data_8OUP
#
_entry.id   8OUP
#
_cell.length_a   48.219
_cell.length_b   50.684
_cell.length_c   74.165
_cell.angle_alpha   75.65
_cell.angle_beta   88.09
_cell.angle_gamma   85.30
#
_symmetry.space_group_name_H-M   'P 1'
#
loop_
_entity.id
_entity.type
_entity.pdbx_description
1 polymer 'Nerve hemoglobin'
2 non-polymer 'PROTOPORPHYRIN IX CONTAINING FE'
3 non-polymer GLYCEROL
4 water water
#
_entity_poly.entity_id   1
_entity_poly.type   'polypeptide(L)'
_entity_poly.pdbx_seq_one_letter_code
;MADPCPVTKLTKAEKDAVANSWAALKQDWKTIGADFFVKLFETYPNIKAYFKSFDNMDMSEIKQSPKLRAHSINFCHGLN
SFIQSLDEPDVLVILVQKLTVNHFRRKIAVDRFQEAFALYVSYAQDHAKFDDFTAAAWTKTLKVVADVIGGHMQTLQKSG
GE
;
_entity_poly.pdbx_strand_id   A,B,C,D
#
loop_
_chem_comp.id
_chem_comp.type
_chem_comp.name
_chem_comp.formula
GOL non-polymer GLYCEROL 'C3 H8 O3'
HEM non-polymer 'PROTOPORPHYRIN IX CONTAINING FE' 'C34 H32 Fe N4 O4'
#
# COMPACT_ATOMS: atom_id res chain seq x y z
N THR A 8 -23.24 -12.46 6.80
CA THR A 8 -22.24 -11.56 7.44
C THR A 8 -22.91 -10.57 8.37
N LYS A 9 -22.44 -10.51 9.60
CA LYS A 9 -22.90 -9.42 10.47
C LYS A 9 -21.93 -8.29 10.13
N LEU A 10 -21.30 -8.38 8.95
CA LEU A 10 -20.26 -7.39 8.61
C LEU A 10 -20.92 -6.03 8.37
N THR A 11 -20.41 -5.01 9.03
CA THR A 11 -20.88 -3.66 8.80
C THR A 11 -20.29 -3.13 7.50
N LYS A 12 -20.96 -2.10 6.96
CA LYS A 12 -20.39 -1.36 5.84
C LYS A 12 -18.99 -0.84 6.16
N ALA A 13 -18.75 -0.27 7.35
CA ALA A 13 -17.46 0.31 7.68
C ALA A 13 -16.38 -0.78 7.68
N GLU A 14 -16.76 -1.97 8.18
CA GLU A 14 -15.83 -3.11 8.25
C GLU A 14 -15.46 -3.58 6.84
N LYS A 15 -16.49 -3.80 6.01
CA LYS A 15 -16.31 -4.24 4.63
C LYS A 15 -15.48 -3.19 3.89
N ASP A 16 -15.78 -1.90 4.09
CA ASP A 16 -15.00 -0.87 3.42
C ASP A 16 -13.55 -0.85 3.88
N ALA A 17 -13.28 -1.07 5.17
CA ALA A 17 -11.92 -1.05 5.65
C ALA A 17 -11.11 -2.20 5.02
N VAL A 18 -11.75 -3.37 4.84
CA VAL A 18 -11.11 -4.53 4.26
C VAL A 18 -10.88 -4.27 2.77
N ALA A 19 -11.89 -3.75 2.10
CA ALA A 19 -11.78 -3.53 0.65
C ALA A 19 -10.67 -2.52 0.37
N ASN A 20 -10.59 -1.45 1.18
CA ASN A 20 -9.57 -0.44 0.95
C ASN A 20 -8.17 -0.95 1.23
N SER A 21 -8.00 -1.68 2.35
CA SER A 21 -6.66 -2.16 2.65
C SER A 21 -6.24 -3.23 1.65
N TRP A 22 -7.20 -4.05 1.17
CA TRP A 22 -6.91 -5.05 0.15
C TRP A 22 -6.52 -4.42 -1.18
N ALA A 23 -7.16 -3.29 -1.55
CA ALA A 23 -6.87 -2.67 -2.83
C ALA A 23 -5.41 -2.27 -2.89
N ALA A 24 -4.85 -1.87 -1.74
CA ALA A 24 -3.45 -1.48 -1.66
C ALA A 24 -2.58 -2.74 -1.56
N LEU A 25 -2.96 -3.71 -0.72
CA LEU A 25 -2.10 -4.85 -0.49
C LEU A 25 -2.00 -5.74 -1.73
N LYS A 26 -3.14 -5.93 -2.42
CA LYS A 26 -3.25 -6.81 -3.57
C LYS A 26 -2.09 -6.54 -4.51
N GLN A 27 -1.83 -5.23 -4.67
CA GLN A 27 -0.85 -4.79 -5.63
C GLN A 27 0.57 -5.15 -5.18
N ASP A 28 0.83 -5.20 -3.87
CA ASP A 28 2.14 -5.58 -3.35
C ASP A 28 2.29 -7.11 -3.27
N TRP A 29 1.23 -7.89 -3.51
CA TRP A 29 1.28 -9.34 -3.26
C TRP A 29 2.28 -10.05 -4.16
N LYS A 30 2.54 -9.58 -5.40
CA LYS A 30 3.66 -10.19 -6.15
C LYS A 30 5.00 -10.06 -5.42
N THR A 31 5.22 -8.93 -4.73
CA THR A 31 6.43 -8.66 -3.98
C THR A 31 6.44 -9.48 -2.68
N ILE A 32 5.30 -9.58 -1.97
CA ILE A 32 5.36 -9.95 -0.57
C ILE A 32 4.70 -11.32 -0.33
N GLY A 33 3.99 -11.85 -1.32
CA GLY A 33 3.17 -13.04 -1.07
C GLY A 33 4.01 -14.28 -0.79
N ALA A 34 5.13 -14.44 -1.52
CA ALA A 34 5.98 -15.60 -1.30
C ALA A 34 6.55 -15.59 0.12
N ASP A 35 6.97 -14.42 0.62
CA ASP A 35 7.46 -14.30 1.99
C ASP A 35 6.39 -14.66 3.02
N PHE A 36 5.12 -14.32 2.73
CA PHE A 36 4.04 -14.74 3.61
C PHE A 36 4.04 -16.27 3.71
N PHE A 37 4.08 -16.94 2.57
CA PHE A 37 4.00 -18.40 2.61
C PHE A 37 5.25 -19.03 3.26
N VAL A 38 6.42 -18.44 3.06
CA VAL A 38 7.60 -18.91 3.76
C VAL A 38 7.37 -18.85 5.29
N LYS A 39 6.80 -17.73 5.75
CA LYS A 39 6.55 -17.52 7.17
CA LYS A 39 6.54 -17.51 7.18
C LYS A 39 5.51 -18.54 7.65
N LEU A 40 4.49 -18.76 6.81
CA LEU A 40 3.47 -19.76 7.14
C LEU A 40 4.10 -21.15 7.27
N PHE A 41 5.01 -21.51 6.37
CA PHE A 41 5.64 -22.82 6.34
C PHE A 41 6.59 -23.01 7.50
N GLU A 42 7.32 -21.95 7.85
CA GLU A 42 8.23 -21.99 8.98
C GLU A 42 7.48 -22.07 10.30
N THR A 43 6.32 -21.43 10.39
CA THR A 43 5.54 -21.39 11.63
C THR A 43 4.81 -22.72 11.81
N TYR A 44 4.28 -23.24 10.70
CA TYR A 44 3.41 -24.44 10.68
C TYR A 44 4.00 -25.50 9.75
N PRO A 45 4.90 -26.35 10.26
CA PRO A 45 5.54 -27.33 9.41
C PRO A 45 4.51 -28.27 8.78
N ASN A 46 3.39 -28.48 9.45
CA ASN A 46 2.37 -29.38 8.88
C ASN A 46 1.72 -28.75 7.65
N ILE A 47 1.59 -27.42 7.61
CA ILE A 47 1.02 -26.77 6.42
C ILE A 47 1.99 -26.92 5.25
N LYS A 48 3.29 -26.69 5.50
CA LYS A 48 4.29 -26.92 4.47
C LYS A 48 4.14 -28.33 3.86
N ALA A 49 3.91 -29.32 4.74
CA ALA A 49 3.91 -30.72 4.32
C ALA A 49 2.76 -31.06 3.37
N TYR A 50 1.69 -30.25 3.28
CA TYR A 50 0.67 -30.50 2.27
C TYR A 50 1.22 -30.28 0.86
N PHE A 51 2.28 -29.48 0.71
CA PHE A 51 2.89 -29.21 -0.57
C PHE A 51 4.03 -30.20 -0.79
N LYS A 52 3.67 -31.37 -1.32
CA LYS A 52 4.55 -32.52 -1.43
C LYS A 52 5.79 -32.17 -2.26
N SER A 53 5.63 -31.29 -3.25
CA SER A 53 6.74 -30.92 -4.12
C SER A 53 7.80 -30.08 -3.41
N PHE A 54 7.63 -29.79 -2.10
CA PHE A 54 8.57 -28.96 -1.36
C PHE A 54 9.37 -29.75 -0.31
N ASP A 55 9.13 -31.06 -0.18
CA ASP A 55 9.59 -31.83 0.97
C ASP A 55 11.11 -31.73 1.18
N ASN A 56 11.89 -31.95 0.11
CA ASN A 56 13.34 -31.97 0.21
C ASN A 56 13.96 -30.65 -0.25
N MET A 57 13.14 -29.61 -0.44
CA MET A 57 13.63 -28.35 -0.96
C MET A 57 14.07 -27.40 0.15
N ASP A 58 15.17 -26.71 -0.10
CA ASP A 58 15.65 -25.57 0.65
C ASP A 58 14.57 -24.48 0.55
N MET A 59 14.46 -23.62 1.57
CA MET A 59 13.36 -22.67 1.64
C MET A 59 13.58 -21.55 0.62
N SER A 60 14.84 -21.25 0.30
CA SER A 60 15.19 -20.36 -0.80
C SER A 60 14.63 -20.89 -2.10
N GLU A 61 14.66 -22.21 -2.29
CA GLU A 61 14.18 -22.85 -3.51
CA GLU A 61 14.18 -22.78 -3.53
C GLU A 61 12.65 -22.78 -3.52
N ILE A 62 12.04 -23.09 -2.39
CA ILE A 62 10.58 -22.97 -2.27
C ILE A 62 10.14 -21.57 -2.63
N LYS A 63 10.76 -20.56 -2.02
CA LYS A 63 10.35 -19.16 -2.14
C LYS A 63 10.34 -18.73 -3.61
N GLN A 64 11.29 -19.23 -4.40
CA GLN A 64 11.38 -18.83 -5.79
C GLN A 64 10.67 -19.79 -6.74
N SER A 65 10.08 -20.88 -6.22
CA SER A 65 9.49 -21.90 -7.08
C SER A 65 8.24 -21.37 -7.79
N PRO A 66 8.02 -21.76 -9.07
CA PRO A 66 6.76 -21.43 -9.75
C PRO A 66 5.52 -21.98 -9.06
N LYS A 67 5.63 -23.14 -8.42
CA LYS A 67 4.51 -23.75 -7.75
C LYS A 67 4.07 -22.89 -6.55
N LEU A 68 5.05 -22.34 -5.82
CA LEU A 68 4.66 -21.50 -4.68
C LEU A 68 4.01 -20.23 -5.22
N ARG A 69 4.63 -19.64 -6.24
CA ARG A 69 4.14 -18.40 -6.83
CA ARG A 69 4.16 -18.42 -6.86
C ARG A 69 2.73 -18.61 -7.37
N ALA A 70 2.45 -19.77 -7.97
CA ALA A 70 1.11 -20.04 -8.45
C ALA A 70 0.11 -20.14 -7.31
N HIS A 71 0.49 -20.84 -6.22
CA HIS A 71 -0.43 -20.93 -5.10
C HIS A 71 -0.65 -19.55 -4.48
N SER A 72 0.41 -18.75 -4.39
CA SER A 72 0.28 -17.40 -3.87
C SER A 72 -0.68 -16.53 -4.69
N ILE A 73 -0.66 -16.67 -6.02
CA ILE A 73 -1.59 -15.99 -6.91
CA ILE A 73 -1.59 -15.97 -6.90
C ILE A 73 -3.00 -16.53 -6.65
N ASN A 74 -3.11 -17.84 -6.53
CA ASN A 74 -4.40 -18.46 -6.29
C ASN A 74 -4.99 -17.94 -4.98
N PHE A 75 -4.14 -17.79 -3.98
CA PHE A 75 -4.55 -17.28 -2.68
C PHE A 75 -5.08 -15.86 -2.80
N CYS A 76 -4.35 -14.95 -3.42
N CYS A 76 -4.31 -15.02 -3.47
CA CYS A 76 -4.84 -13.58 -3.47
CA CYS A 76 -4.68 -13.63 -3.63
C CYS A 76 -6.05 -13.50 -4.40
C CYS A 76 -5.97 -13.51 -4.41
N HIS A 77 -6.11 -14.31 -5.47
CA HIS A 77 -7.32 -14.24 -6.29
C HIS A 77 -8.55 -14.76 -5.53
N GLY A 78 -8.37 -15.85 -4.80
CA GLY A 78 -9.46 -16.38 -4.00
C GLY A 78 -9.94 -15.36 -2.99
N LEU A 79 -8.99 -14.75 -2.25
CA LEU A 79 -9.36 -13.73 -1.30
CA LEU A 79 -9.34 -13.70 -1.29
C LEU A 79 -10.07 -12.58 -2.01
N ASN A 80 -9.54 -12.14 -3.15
CA ASN A 80 -10.21 -11.07 -3.89
C ASN A 80 -11.65 -11.42 -4.22
N SER A 81 -11.88 -12.66 -4.67
CA SER A 81 -13.20 -13.12 -5.07
C SER A 81 -14.16 -13.05 -3.89
N PHE A 82 -13.65 -13.38 -2.68
CA PHE A 82 -14.47 -13.34 -1.48
C PHE A 82 -14.81 -11.91 -1.10
N ILE A 83 -13.79 -11.04 -1.07
CA ILE A 83 -14.00 -9.66 -0.70
C ILE A 83 -14.95 -8.96 -1.67
N GLN A 84 -14.83 -9.30 -2.97
CA GLN A 84 -15.70 -8.76 -3.99
C GLN A 84 -17.16 -9.11 -3.68
N SER A 85 -17.36 -10.25 -3.01
CA SER A 85 -18.69 -10.84 -2.88
C SER A 85 -19.26 -10.66 -1.48
N LEU A 86 -18.73 -9.74 -0.68
CA LEU A 86 -19.19 -9.62 0.70
C LEU A 86 -20.63 -9.13 0.74
N ASP A 87 -21.05 -8.41 -0.29
CA ASP A 87 -22.41 -7.89 -0.35
C ASP A 87 -23.38 -8.89 -0.98
N GLU A 88 -22.89 -10.03 -1.46
CA GLU A 88 -23.71 -11.08 -2.09
C GLU A 88 -23.44 -12.40 -1.39
N PRO A 89 -24.05 -12.62 -0.20
CA PRO A 89 -23.72 -13.77 0.63
C PRO A 89 -23.95 -15.15 0.01
N ASP A 90 -24.93 -15.26 -0.89
CA ASP A 90 -25.17 -16.55 -1.53
C ASP A 90 -24.01 -16.88 -2.48
N VAL A 91 -23.50 -15.82 -3.12
CA VAL A 91 -22.35 -15.97 -4.03
C VAL A 91 -21.08 -16.28 -3.24
N LEU A 92 -20.85 -15.53 -2.15
CA LEU A 92 -19.70 -15.79 -1.30
C LEU A 92 -19.66 -17.26 -0.89
N VAL A 93 -20.80 -17.78 -0.40
CA VAL A 93 -20.87 -19.13 0.07
C VAL A 93 -20.49 -20.12 -1.02
N ILE A 94 -20.96 -19.88 -2.25
CA ILE A 94 -20.63 -20.79 -3.34
C ILE A 94 -19.13 -20.79 -3.59
N LEU A 95 -18.56 -19.58 -3.71
CA LEU A 95 -17.12 -19.44 -3.99
C LEU A 95 -16.31 -20.15 -2.90
N VAL A 96 -16.68 -19.95 -1.63
CA VAL A 96 -15.91 -20.53 -0.54
C VAL A 96 -16.14 -22.04 -0.47
N GLN A 97 -17.36 -22.50 -0.77
CA GLN A 97 -17.60 -23.93 -0.83
C GLN A 97 -16.72 -24.63 -1.84
N LYS A 98 -16.48 -24.02 -3.00
CA LYS A 98 -15.65 -24.59 -4.04
C LYS A 98 -14.22 -24.76 -3.48
N LEU A 99 -13.68 -23.71 -2.85
CA LEU A 99 -12.39 -23.80 -2.17
C LEU A 99 -12.33 -24.97 -1.19
N THR A 100 -13.39 -25.09 -0.41
CA THR A 100 -13.44 -26.05 0.65
C THR A 100 -13.33 -27.44 0.05
N VAL A 101 -14.08 -27.71 -1.04
CA VAL A 101 -14.09 -29.06 -1.62
C VAL A 101 -12.68 -29.49 -1.95
N ASN A 102 -12.01 -28.65 -2.73
CA ASN A 102 -10.71 -28.96 -3.26
C ASN A 102 -9.72 -29.22 -2.12
N HIS A 103 -9.75 -28.40 -1.07
CA HIS A 103 -8.76 -28.56 -0.01
C HIS A 103 -9.14 -29.73 0.90
N PHE A 104 -10.45 -29.95 1.10
CA PHE A 104 -10.94 -31.09 1.88
C PHE A 104 -10.41 -32.40 1.28
N ARG A 105 -10.36 -32.46 -0.03
CA ARG A 105 -9.94 -33.67 -0.72
C ARG A 105 -8.46 -33.95 -0.48
N ARG A 106 -7.71 -32.90 -0.13
CA ARG A 106 -6.31 -33.01 0.20
CA ARG A 106 -6.30 -33.01 0.19
C ARG A 106 -6.10 -33.22 1.70
N LYS A 107 -7.21 -33.43 2.46
CA LYS A 107 -7.21 -33.76 3.89
C LYS A 107 -6.76 -32.55 4.73
N ILE A 108 -7.03 -31.36 4.22
CA ILE A 108 -6.76 -30.13 4.94
C ILE A 108 -7.99 -29.77 5.78
N ALA A 109 -7.81 -29.60 7.10
CA ALA A 109 -8.88 -29.25 8.00
C ALA A 109 -9.07 -27.73 8.01
N VAL A 110 -10.22 -27.28 8.52
CA VAL A 110 -10.49 -25.87 8.50
CA VAL A 110 -10.53 -25.86 8.55
C VAL A 110 -9.49 -25.17 9.41
N ASP A 111 -8.96 -25.91 10.38
CA ASP A 111 -8.01 -25.38 11.34
C ASP A 111 -6.78 -24.81 10.62
N ARG A 112 -6.40 -25.41 9.49
CA ARG A 112 -5.23 -24.95 8.73
C ARG A 112 -5.53 -23.59 8.12
N PHE A 113 -6.77 -23.42 7.63
CA PHE A 113 -7.18 -22.10 7.14
C PHE A 113 -7.22 -21.08 8.25
N GLN A 114 -7.71 -21.48 9.43
CA GLN A 114 -7.72 -20.57 10.57
C GLN A 114 -6.30 -20.11 10.85
N GLU A 115 -5.33 -21.04 10.77
CA GLU A 115 -3.94 -20.67 11.09
C GLU A 115 -3.44 -19.70 10.01
N ALA A 116 -3.67 -20.03 8.76
CA ALA A 116 -3.23 -19.15 7.68
C ALA A 116 -3.85 -17.76 7.76
N PHE A 117 -5.15 -17.71 8.06
CA PHE A 117 -5.87 -16.43 8.09
C PHE A 117 -5.33 -15.54 9.20
N ALA A 118 -5.09 -16.12 10.38
CA ALA A 118 -4.60 -15.30 11.47
C ALA A 118 -3.21 -14.78 11.18
N LEU A 119 -2.36 -15.65 10.58
CA LEU A 119 -1.02 -15.20 10.24
C LEU A 119 -1.10 -14.11 9.18
N TYR A 120 -1.97 -14.31 8.20
CA TYR A 120 -2.18 -13.31 7.15
C TYR A 120 -2.56 -11.95 7.74
N VAL A 121 -3.51 -11.89 8.67
CA VAL A 121 -3.93 -10.60 9.17
C VAL A 121 -2.77 -9.89 9.87
N SER A 122 -1.97 -10.63 10.66
CA SER A 122 -0.77 -10.08 11.28
C SER A 122 0.23 -9.58 10.26
N TYR A 123 0.46 -10.39 9.23
CA TYR A 123 1.43 -10.06 8.18
C TYR A 123 1.01 -8.82 7.41
N ALA A 124 -0.29 -8.75 7.07
CA ALA A 124 -0.88 -7.64 6.32
C ALA A 124 -0.78 -6.35 7.13
N GLN A 125 -1.12 -6.42 8.41
CA GLN A 125 -1.03 -5.25 9.27
C GLN A 125 0.42 -4.78 9.38
N ASP A 126 1.35 -5.71 9.57
CA ASP A 126 2.75 -5.36 9.71
C ASP A 126 3.27 -4.69 8.44
N HIS A 127 2.78 -5.10 7.27
CA HIS A 127 3.17 -4.56 6.00
C HIS A 127 2.55 -3.18 5.78
N ALA A 128 1.22 -3.08 5.93
CA ALA A 128 0.48 -1.87 5.53
C ALA A 128 0.37 -0.86 6.66
N LYS A 129 0.52 -1.33 7.89
CA LYS A 129 0.43 -0.50 9.09
C LYS A 129 -0.94 0.18 9.22
N PHE A 130 -1.99 -0.51 8.83
CA PHE A 130 -3.34 -0.05 9.10
C PHE A 130 -3.67 -0.23 10.59
N ASP A 131 -4.75 0.40 10.98
CA ASP A 131 -5.16 0.47 12.38
C ASP A 131 -5.82 -0.83 12.85
N ASP A 132 -6.08 -0.89 14.16
CA ASP A 132 -6.63 -2.10 14.74
C ASP A 132 -8.07 -2.31 14.31
N PHE A 133 -8.81 -1.22 14.01
CA PHE A 133 -10.14 -1.37 13.46
C PHE A 133 -10.10 -2.19 12.17
N THR A 134 -9.16 -1.83 11.30
CA THR A 134 -9.00 -2.52 10.03
C THR A 134 -8.52 -3.96 10.24
N ALA A 135 -7.58 -4.18 11.17
CA ALA A 135 -7.18 -5.55 11.49
C ALA A 135 -8.37 -6.37 12.00
N ALA A 136 -9.16 -5.82 12.93
CA ALA A 136 -10.33 -6.50 13.43
C ALA A 136 -11.33 -6.81 12.32
N ALA A 137 -11.49 -5.88 11.36
CA ALA A 137 -12.43 -6.10 10.26
C ALA A 137 -11.95 -7.26 9.36
N TRP A 138 -10.63 -7.38 9.17
CA TRP A 138 -10.07 -8.51 8.47
C TRP A 138 -10.36 -9.81 9.18
N THR A 139 -10.14 -9.83 10.50
CA THR A 139 -10.33 -11.01 11.29
C THR A 139 -11.78 -11.46 11.20
N LYS A 140 -12.73 -10.51 11.34
CA LYS A 140 -14.15 -10.83 11.25
C LYS A 140 -14.53 -11.32 9.85
N THR A 141 -14.00 -10.69 8.80
CA THR A 141 -14.26 -11.11 7.42
C THR A 141 -13.76 -12.54 7.20
N LEU A 142 -12.54 -12.81 7.65
CA LEU A 142 -11.99 -14.15 7.46
C LEU A 142 -12.67 -15.19 8.34
N LYS A 143 -13.30 -14.73 9.45
CA LYS A 143 -14.07 -15.66 10.25
C LYS A 143 -15.34 -16.05 9.49
N VAL A 144 -15.95 -15.09 8.79
CA VAL A 144 -17.05 -15.42 7.92
C VAL A 144 -16.66 -16.54 6.97
N VAL A 145 -15.51 -16.36 6.32
CA VAL A 145 -15.02 -17.32 5.35
C VAL A 145 -14.75 -18.65 6.03
N ALA A 146 -14.05 -18.65 7.17
CA ALA A 146 -13.67 -19.89 7.84
C ALA A 146 -14.93 -20.64 8.31
N ASP A 147 -15.94 -19.88 8.74
CA ASP A 147 -17.20 -20.48 9.17
C ASP A 147 -17.81 -21.27 8.02
N VAL A 148 -17.78 -20.73 6.79
CA VAL A 148 -18.33 -21.43 5.64
C VAL A 148 -17.50 -22.66 5.34
N ILE A 149 -16.17 -22.49 5.38
CA ILE A 149 -15.29 -23.63 5.17
C ILE A 149 -15.57 -24.74 6.18
N GLY A 150 -15.61 -24.40 7.46
CA GLY A 150 -15.80 -25.38 8.52
C GLY A 150 -17.12 -26.15 8.39
N GLY A 151 -18.17 -25.35 8.20
CA GLY A 151 -19.50 -25.91 7.95
C GLY A 151 -19.51 -26.92 6.81
N HIS A 152 -18.96 -26.53 5.67
CA HIS A 152 -19.02 -27.33 4.47
C HIS A 152 -18.15 -28.58 4.63
N MET A 153 -17.04 -28.47 5.37
CA MET A 153 -16.24 -29.67 5.62
C MET A 153 -17.03 -30.69 6.44
N GLN A 154 -17.86 -30.22 7.37
CA GLN A 154 -18.77 -31.07 8.13
C GLN A 154 -19.70 -31.80 7.16
N THR A 155 -20.25 -31.06 6.19
CA THR A 155 -21.14 -31.66 5.21
C THR A 155 -20.40 -32.75 4.45
N LEU A 156 -19.21 -32.39 3.91
CA LEU A 156 -18.43 -33.28 3.06
C LEU A 156 -18.03 -34.53 3.86
N GLN A 157 -17.74 -34.37 5.15
CA GLN A 157 -17.61 -35.46 6.12
C GLN A 157 -16.21 -36.08 6.05
N THR B 8 5.33 -18.24 -24.82
CA THR B 8 4.49 -17.17 -25.44
C THR B 8 5.37 -16.31 -26.35
N LYS B 9 4.85 -16.10 -27.61
CA LYS B 9 5.47 -15.10 -28.63
CA LYS B 9 5.45 -15.12 -28.60
C LYS B 9 4.67 -13.79 -28.66
N LEU B 10 3.85 -13.64 -27.64
CA LEU B 10 3.16 -12.39 -27.47
C LEU B 10 4.19 -11.28 -27.37
N THR B 11 3.91 -10.17 -28.06
CA THR B 11 4.76 -8.99 -27.98
C THR B 11 4.40 -8.14 -26.76
N LYS B 12 5.28 -7.19 -26.43
CA LYS B 12 4.95 -6.24 -25.37
C LYS B 12 3.67 -5.48 -25.66
N ALA B 13 3.52 -4.98 -26.89
CA ALA B 13 2.36 -4.19 -27.26
C ALA B 13 1.11 -5.07 -27.17
N GLU B 14 1.23 -6.36 -27.56
CA GLU B 14 0.06 -7.24 -27.50
C GLU B 14 -0.35 -7.45 -26.04
N LYS B 15 0.63 -7.75 -25.18
CA LYS B 15 0.35 -8.02 -23.78
CA LYS B 15 0.35 -8.00 -23.78
C LYS B 15 -0.18 -6.73 -23.14
N ASP B 16 0.41 -5.58 -23.48
CA ASP B 16 -0.06 -4.32 -22.93
C ASP B 16 -1.49 -4.04 -23.37
N ALA B 17 -1.85 -4.32 -24.63
CA ALA B 17 -3.20 -4.05 -25.14
C ALA B 17 -4.21 -4.89 -24.35
N VAL B 18 -3.84 -6.14 -24.10
CA VAL B 18 -4.72 -7.06 -23.36
C VAL B 18 -4.84 -6.59 -21.92
N ALA B 19 -3.69 -6.35 -21.27
CA ALA B 19 -3.69 -5.91 -19.89
C ALA B 19 -4.46 -4.61 -19.72
N ASN B 20 -4.25 -3.64 -20.62
CA ASN B 20 -4.94 -2.35 -20.54
C ASN B 20 -6.46 -2.49 -20.73
N SER B 21 -6.83 -3.28 -21.75
N SER B 21 -6.89 -3.28 -21.73
CA SER B 21 -8.22 -3.58 -22.07
CA SER B 21 -8.32 -3.40 -21.96
C SER B 21 -8.91 -4.23 -20.87
C SER B 21 -8.95 -4.24 -20.85
N TRP B 22 -8.23 -5.24 -20.33
CA TRP B 22 -8.76 -6.05 -19.24
C TRP B 22 -8.92 -5.21 -17.97
N ALA B 23 -7.99 -4.26 -17.77
CA ALA B 23 -8.09 -3.42 -16.57
C ALA B 23 -9.42 -2.68 -16.53
N ALA B 24 -9.88 -2.19 -17.69
CA ALA B 24 -11.16 -1.53 -17.84
C ALA B 24 -12.32 -2.54 -17.75
N LEU B 25 -12.20 -3.63 -18.51
CA LEU B 25 -13.28 -4.62 -18.65
C LEU B 25 -13.64 -5.21 -17.28
N LYS B 26 -12.64 -5.50 -16.44
CA LYS B 26 -12.80 -6.30 -15.23
C LYS B 26 -13.72 -5.58 -14.23
N GLN B 27 -13.70 -4.25 -14.22
CA GLN B 27 -14.60 -3.49 -13.35
C GLN B 27 -16.05 -3.68 -13.83
N ASP B 28 -16.29 -3.68 -15.14
CA ASP B 28 -17.64 -3.81 -15.67
C ASP B 28 -18.10 -5.27 -15.64
N TRP B 29 -17.18 -6.23 -15.50
CA TRP B 29 -17.51 -7.65 -15.57
C TRP B 29 -18.46 -8.04 -14.45
N LYS B 30 -18.33 -7.32 -13.33
CA LYS B 30 -19.10 -7.61 -12.16
C LYS B 30 -20.58 -7.55 -12.55
N THR B 31 -20.94 -6.65 -13.49
CA THR B 31 -22.30 -6.52 -13.99
C THR B 31 -22.58 -7.16 -15.37
N ILE B 32 -21.64 -7.20 -16.32
CA ILE B 32 -21.93 -7.72 -17.65
C ILE B 32 -21.59 -9.21 -17.79
N GLY B 33 -20.86 -9.78 -16.83
CA GLY B 33 -20.40 -11.15 -16.93
C GLY B 33 -21.51 -12.21 -17.04
N ALA B 34 -22.56 -12.08 -16.20
CA ALA B 34 -23.67 -13.02 -16.28
C ALA B 34 -24.29 -13.03 -17.68
N ASP B 35 -24.46 -11.86 -18.27
CA ASP B 35 -25.00 -11.73 -19.61
CA ASP B 35 -24.99 -11.71 -19.61
C ASP B 35 -24.10 -12.42 -20.64
N PHE B 36 -22.77 -12.35 -20.46
CA PHE B 36 -21.91 -13.10 -21.37
C PHE B 36 -22.23 -14.61 -21.32
N PHE B 37 -22.38 -15.13 -20.10
CA PHE B 37 -22.60 -16.56 -19.95
C PHE B 37 -23.98 -16.94 -20.45
N VAL B 38 -24.96 -16.07 -20.34
CA VAL B 38 -26.25 -16.38 -20.93
C VAL B 38 -26.11 -16.47 -22.45
N LYS B 39 -25.40 -15.49 -23.02
CA LYS B 39 -25.14 -15.55 -24.45
C LYS B 39 -24.43 -16.84 -24.86
N LEU B 40 -23.41 -17.21 -24.11
CA LEU B 40 -22.69 -18.46 -24.34
C LEU B 40 -23.62 -19.67 -24.28
N PHE B 41 -24.45 -19.73 -23.25
CA PHE B 41 -25.38 -20.84 -23.08
C PHE B 41 -26.42 -20.92 -24.19
N GLU B 42 -26.89 -19.74 -24.64
CA GLU B 42 -27.85 -19.71 -25.72
C GLU B 42 -27.27 -20.18 -27.02
N THR B 43 -26.01 -19.81 -27.34
CA THR B 43 -25.37 -20.33 -28.54
C THR B 43 -25.01 -21.81 -28.42
N TYR B 44 -24.59 -22.21 -27.20
CA TYR B 44 -23.98 -23.50 -26.96
C TYR B 44 -24.74 -24.19 -25.86
N PRO B 45 -25.89 -24.83 -26.19
CA PRO B 45 -26.61 -25.54 -25.15
C PRO B 45 -25.82 -26.67 -24.49
N ASN B 46 -24.82 -27.23 -25.19
CA ASN B 46 -23.97 -28.26 -24.62
C ASN B 46 -23.10 -27.67 -23.50
N ILE B 47 -22.67 -26.41 -23.65
CA ILE B 47 -21.95 -25.75 -22.58
C ILE B 47 -22.80 -25.60 -21.32
N LYS B 48 -24.03 -25.08 -21.51
CA LYS B 48 -24.99 -24.92 -20.41
C LYS B 48 -25.17 -26.25 -19.68
N ALA B 49 -25.22 -27.33 -20.48
CA ALA B 49 -25.54 -28.67 -19.95
C ALA B 49 -24.47 -29.16 -18.96
N TYR B 50 -23.21 -28.65 -19.01
CA TYR B 50 -22.23 -29.04 -18.00
C TYR B 50 -22.58 -28.52 -16.60
N PHE B 51 -23.40 -27.47 -16.53
CA PHE B 51 -23.83 -26.88 -15.28
C PHE B 51 -25.12 -27.59 -14.88
N LYS B 52 -24.95 -28.72 -14.15
CA LYS B 52 -26.07 -29.56 -13.78
CA LYS B 52 -26.08 -29.55 -13.80
C LYS B 52 -27.04 -28.79 -12.90
N SER B 53 -26.54 -27.79 -12.14
CA SER B 53 -27.37 -26.91 -11.33
C SER B 53 -28.47 -26.23 -12.14
N PHE B 54 -28.25 -26.04 -13.47
CA PHE B 54 -29.18 -25.34 -14.33
C PHE B 54 -30.10 -26.29 -15.05
N ASP B 55 -30.09 -27.59 -14.70
CA ASP B 55 -30.98 -28.50 -15.37
C ASP B 55 -32.43 -28.04 -15.16
N ASN B 56 -33.19 -27.99 -16.25
CA ASN B 56 -34.64 -27.76 -16.16
C ASN B 56 -34.93 -26.35 -15.64
N MET B 57 -34.04 -25.36 -15.92
CA MET B 57 -34.24 -24.02 -15.41
C MET B 57 -34.37 -23.06 -16.58
N ASP B 58 -35.36 -22.15 -16.46
CA ASP B 58 -35.56 -21.11 -17.46
CA ASP B 58 -35.57 -21.09 -17.42
C ASP B 58 -34.31 -20.22 -17.47
N MET B 59 -33.90 -19.73 -18.66
CA MET B 59 -32.69 -18.91 -18.75
C MET B 59 -32.79 -17.64 -17.91
N SER B 60 -33.99 -17.05 -17.73
CA SER B 60 -34.18 -15.92 -16.80
C SER B 60 -33.65 -16.22 -15.41
N GLU B 61 -33.92 -17.44 -14.93
CA GLU B 61 -33.54 -17.88 -13.59
CA GLU B 61 -33.54 -17.89 -13.60
C GLU B 61 -32.03 -18.16 -13.55
N ILE B 62 -31.52 -18.76 -14.62
CA ILE B 62 -30.07 -19.00 -14.71
C ILE B 62 -29.34 -17.66 -14.59
N LYS B 63 -29.79 -16.68 -15.35
CA LYS B 63 -29.10 -15.38 -15.43
C LYS B 63 -28.94 -14.77 -14.04
N GLN B 64 -29.96 -14.93 -13.16
CA GLN B 64 -29.95 -14.36 -11.82
C GLN B 64 -29.32 -15.25 -10.76
N SER B 65 -28.98 -16.49 -11.11
CA SER B 65 -28.59 -17.48 -10.12
CA SER B 65 -28.54 -17.52 -10.17
C SER B 65 -27.24 -17.11 -9.50
N PRO B 66 -27.08 -17.29 -8.19
CA PRO B 66 -25.77 -17.10 -7.56
C PRO B 66 -24.74 -18.06 -8.12
N LYS B 67 -25.14 -19.24 -8.63
CA LYS B 67 -24.19 -20.16 -9.19
C LYS B 67 -23.62 -19.60 -10.49
N LEU B 68 -24.44 -18.90 -11.28
CA LEU B 68 -23.95 -18.35 -12.53
C LEU B 68 -23.00 -17.21 -12.18
N ARG B 69 -23.42 -16.35 -11.23
CA ARG B 69 -22.64 -15.21 -10.82
CA ARG B 69 -22.62 -15.21 -10.84
C ARG B 69 -21.28 -15.69 -10.29
N ALA B 70 -21.27 -16.79 -9.52
CA ALA B 70 -20.02 -17.30 -8.99
C ALA B 70 -19.12 -17.75 -10.15
N HIS B 71 -19.69 -18.45 -11.14
CA HIS B 71 -18.83 -18.91 -12.22
C HIS B 71 -18.29 -17.71 -13.00
N SER B 72 -19.08 -16.66 -13.19
CA SER B 72 -18.62 -15.49 -13.91
C SER B 72 -17.45 -14.81 -13.18
N ILE B 73 -17.50 -14.83 -11.84
CA ILE B 73 -16.43 -14.31 -11.00
C ILE B 73 -15.20 -15.22 -11.13
N ASN B 74 -15.42 -16.54 -11.15
CA ASN B 74 -14.35 -17.55 -11.30
C ASN B 74 -13.68 -17.31 -12.67
N PHE B 75 -14.49 -17.04 -13.70
CA PHE B 75 -13.97 -16.77 -15.03
C PHE B 75 -13.04 -15.56 -15.01
N CYS B 76 -13.55 -14.46 -14.51
CA CYS B 76 -12.83 -13.22 -14.45
CA CYS B 76 -12.75 -13.26 -14.58
C CYS B 76 -11.52 -13.36 -13.68
N HIS B 77 -11.61 -14.03 -12.54
CA HIS B 77 -10.41 -14.24 -11.73
C HIS B 77 -9.39 -15.14 -12.40
N GLY B 78 -9.86 -16.21 -13.04
CA GLY B 78 -8.98 -17.05 -13.80
C GLY B 78 -8.28 -16.25 -14.88
N LEU B 79 -9.05 -15.53 -15.69
CA LEU B 79 -8.46 -14.74 -16.77
CA LEU B 79 -8.44 -14.78 -16.76
C LEU B 79 -7.44 -13.76 -16.17
N ASN B 80 -7.83 -13.12 -15.07
CA ASN B 80 -6.90 -12.17 -14.47
C ASN B 80 -5.59 -12.84 -14.09
N SER B 81 -5.68 -14.01 -13.48
CA SER B 81 -4.48 -14.73 -13.03
C SER B 81 -3.56 -15.06 -14.22
N PHE B 82 -4.17 -15.38 -15.35
CA PHE B 82 -3.38 -15.67 -16.54
C PHE B 82 -2.73 -14.42 -17.10
N ILE B 83 -3.51 -13.35 -17.24
CA ILE B 83 -3.00 -12.10 -17.78
C ILE B 83 -1.89 -11.55 -16.91
N GLN B 84 -2.03 -11.69 -15.61
CA GLN B 84 -1.00 -11.21 -14.69
C GLN B 84 0.30 -12.01 -14.83
N SER B 85 0.21 -13.26 -15.33
CA SER B 85 1.35 -14.15 -15.41
C SER B 85 1.89 -14.29 -16.82
N LEU B 86 1.57 -13.40 -17.74
CA LEU B 86 2.00 -13.59 -19.13
C LEU B 86 3.53 -13.45 -19.25
N ASP B 87 4.18 -12.77 -18.30
CA ASP B 87 5.63 -12.68 -18.31
C ASP B 87 6.33 -13.72 -17.43
N GLU B 88 5.57 -14.64 -16.83
CA GLU B 88 6.09 -15.71 -16.00
C GLU B 88 5.57 -17.03 -16.60
N PRO B 89 6.09 -17.50 -17.74
CA PRO B 89 5.49 -18.63 -18.47
C PRO B 89 5.34 -19.91 -17.66
N ASP B 90 6.27 -20.21 -16.73
CA ASP B 90 6.14 -21.41 -15.94
C ASP B 90 4.93 -21.32 -15.02
N VAL B 91 4.74 -20.15 -14.42
CA VAL B 91 3.60 -19.90 -13.55
C VAL B 91 2.31 -19.94 -14.38
N LEU B 92 2.30 -19.26 -15.53
CA LEU B 92 1.14 -19.29 -16.41
C LEU B 92 0.71 -20.73 -16.68
N VAL B 93 1.66 -21.59 -17.08
CA VAL B 93 1.33 -22.96 -17.43
C VAL B 93 0.77 -23.72 -16.23
N ILE B 94 1.33 -23.51 -15.04
CA ILE B 94 0.81 -24.18 -13.84
C ILE B 94 -0.63 -23.74 -13.60
N LEU B 95 -0.88 -22.43 -13.71
CA LEU B 95 -2.24 -21.91 -13.42
C LEU B 95 -3.23 -22.48 -14.42
N VAL B 96 -2.86 -22.48 -15.70
CA VAL B 96 -3.77 -22.98 -16.71
C VAL B 96 -3.96 -24.50 -16.58
N GLN B 97 -2.89 -25.26 -16.27
CA GLN B 97 -3.05 -26.68 -16.09
C GLN B 97 -3.99 -27.00 -14.91
N LYS B 98 -4.00 -26.18 -13.87
CA LYS B 98 -4.91 -26.44 -12.76
C LYS B 98 -6.36 -26.24 -13.19
N LEU B 99 -6.62 -25.16 -13.94
CA LEU B 99 -7.93 -24.95 -14.54
C LEU B 99 -8.33 -26.13 -15.39
N THR B 100 -7.37 -26.62 -16.16
CA THR B 100 -7.63 -27.67 -17.12
C THR B 100 -8.08 -28.92 -16.38
N VAL B 101 -7.37 -29.32 -15.35
CA VAL B 101 -7.66 -30.58 -14.67
C VAL B 101 -9.12 -30.54 -14.18
N ASN B 102 -9.46 -29.42 -13.55
CA ASN B 102 -10.79 -29.32 -12.95
C ASN B 102 -11.89 -29.46 -14.00
N HIS B 103 -11.71 -28.80 -15.15
CA HIS B 103 -12.73 -28.87 -16.19
C HIS B 103 -12.68 -30.19 -16.98
N PHE B 104 -11.46 -30.75 -17.17
CA PHE B 104 -11.31 -32.06 -17.76
C PHE B 104 -12.08 -33.13 -16.97
N ARG B 105 -12.03 -33.01 -15.64
CA ARG B 105 -12.69 -33.97 -14.77
C ARG B 105 -14.21 -33.92 -14.96
N ARG B 106 -14.72 -32.81 -15.50
CA ARG B 106 -16.14 -32.66 -15.84
CA ARG B 106 -16.13 -32.69 -15.82
C ARG B 106 -16.47 -33.05 -17.27
N LYS B 107 -15.52 -33.61 -18.03
CA LYS B 107 -15.71 -34.08 -19.39
C LYS B 107 -15.82 -32.93 -20.39
N ILE B 108 -15.24 -31.77 -20.04
CA ILE B 108 -15.20 -30.62 -20.93
C ILE B 108 -13.94 -30.73 -21.78
N ALA B 109 -14.14 -30.64 -23.09
CA ALA B 109 -13.04 -30.70 -24.03
C ALA B 109 -12.50 -29.29 -24.28
N VAL B 110 -11.30 -29.20 -24.86
CA VAL B 110 -10.72 -27.87 -25.16
C VAL B 110 -11.61 -27.11 -26.12
N ASP B 111 -12.35 -27.83 -26.97
CA ASP B 111 -13.20 -27.23 -27.97
C ASP B 111 -14.20 -26.27 -27.32
N ARG B 112 -14.66 -26.59 -26.09
CA ARG B 112 -15.62 -25.73 -25.37
C ARG B 112 -14.95 -24.42 -24.95
N PHE B 113 -13.68 -24.50 -24.51
CA PHE B 113 -12.93 -23.26 -24.23
C PHE B 113 -12.75 -22.42 -25.48
N GLN B 114 -12.46 -23.08 -26.60
CA GLN B 114 -12.27 -22.33 -27.83
C GLN B 114 -13.57 -21.61 -28.20
N GLU B 115 -14.72 -22.29 -28.07
CA GLU B 115 -15.99 -21.61 -28.29
C GLU B 115 -16.15 -20.38 -27.39
N ALA B 116 -15.94 -20.56 -26.09
CA ALA B 116 -16.13 -19.51 -25.14
C ALA B 116 -15.18 -18.35 -25.42
N PHE B 117 -13.93 -18.65 -25.76
CA PHE B 117 -12.95 -17.58 -26.01
C PHE B 117 -13.33 -16.78 -27.24
N ALA B 118 -13.82 -17.45 -28.29
CA ALA B 118 -14.16 -16.80 -29.53
C ALA B 118 -15.31 -15.84 -29.26
N LEU B 119 -16.30 -16.31 -28.48
CA LEU B 119 -17.42 -15.43 -28.18
C LEU B 119 -16.99 -14.26 -27.28
N TYR B 120 -16.12 -14.55 -26.31
CA TYR B 120 -15.66 -13.57 -25.35
C TYR B 120 -15.00 -12.40 -26.06
N VAL B 121 -14.12 -12.67 -27.01
CA VAL B 121 -13.39 -11.58 -27.64
C VAL B 121 -14.38 -10.63 -28.29
N SER B 122 -15.38 -11.17 -28.99
CA SER B 122 -16.37 -10.32 -29.63
C SER B 122 -17.25 -9.56 -28.63
N TYR B 123 -17.61 -10.24 -27.54
CA TYR B 123 -18.45 -9.67 -26.50
C TYR B 123 -17.73 -8.50 -25.83
N ALA B 124 -16.45 -8.73 -25.53
CA ALA B 124 -15.58 -7.75 -24.88
C ALA B 124 -15.35 -6.56 -25.82
N GLN B 125 -15.16 -6.81 -27.11
CA GLN B 125 -14.88 -5.73 -28.06
C GLN B 125 -16.14 -4.88 -28.21
N ASP B 126 -17.30 -5.52 -28.24
CA ASP B 126 -18.56 -4.82 -28.43
C ASP B 126 -18.83 -3.91 -27.23
N HIS B 127 -18.52 -4.41 -26.04
CA HIS B 127 -18.67 -3.64 -24.81
C HIS B 127 -17.73 -2.45 -24.76
N ALA B 128 -16.45 -2.68 -24.96
CA ALA B 128 -15.42 -1.71 -24.66
C ALA B 128 -15.05 -0.87 -25.88
N LYS B 129 -15.42 -1.36 -27.07
CA LYS B 129 -15.12 -0.74 -28.36
C LYS B 129 -13.63 -0.53 -28.54
N PHE B 130 -12.81 -1.50 -28.11
CA PHE B 130 -11.38 -1.41 -28.35
C PHE B 130 -11.13 -1.79 -29.79
N ASP B 131 -9.92 -1.50 -30.25
CA ASP B 131 -9.59 -1.56 -31.67
C ASP B 131 -9.30 -2.99 -32.10
N ASP B 132 -9.09 -3.17 -33.40
CA ASP B 132 -8.89 -4.52 -33.92
C ASP B 132 -7.52 -5.06 -33.52
N PHE B 133 -6.52 -4.18 -33.31
CA PHE B 133 -5.24 -4.58 -32.77
C PHE B 133 -5.45 -5.32 -31.45
N THR B 134 -6.29 -4.71 -30.60
CA THR B 134 -6.50 -5.21 -29.25
C THR B 134 -7.31 -6.52 -29.34
N ALA B 135 -8.31 -6.55 -30.23
CA ALA B 135 -9.05 -7.80 -30.44
C ALA B 135 -8.10 -8.93 -30.86
N ALA B 136 -7.21 -8.66 -31.84
CA ALA B 136 -6.28 -9.68 -32.29
C ALA B 136 -5.37 -10.11 -31.14
N ALA B 137 -4.91 -9.17 -30.31
CA ALA B 137 -4.05 -9.49 -29.18
C ALA B 137 -4.77 -10.38 -28.17
N TRP B 138 -6.06 -10.09 -27.92
CA TRP B 138 -6.85 -10.98 -27.09
C TRP B 138 -6.90 -12.38 -27.71
N THR B 139 -7.20 -12.46 -28.99
CA THR B 139 -7.34 -13.76 -29.67
C THR B 139 -6.03 -14.55 -29.55
N LYS B 140 -4.90 -13.87 -29.78
CA LYS B 140 -3.61 -14.53 -29.73
C LYS B 140 -3.31 -15.00 -28.31
N THR B 141 -3.58 -14.16 -27.30
CA THR B 141 -3.39 -14.49 -25.90
C THR B 141 -4.25 -15.70 -25.50
N LEU B 142 -5.51 -15.65 -25.90
CA LEU B 142 -6.36 -16.78 -25.54
C LEU B 142 -6.00 -18.05 -26.31
N LYS B 143 -5.36 -17.93 -27.49
CA LYS B 143 -4.87 -19.10 -28.18
C LYS B 143 -3.69 -19.72 -27.43
N VAL B 144 -2.83 -18.87 -26.82
CA VAL B 144 -1.78 -19.45 -25.98
C VAL B 144 -2.43 -20.27 -24.85
N VAL B 145 -3.47 -19.71 -24.24
CA VAL B 145 -4.14 -20.33 -23.10
C VAL B 145 -4.78 -21.62 -23.58
N ALA B 146 -5.46 -21.59 -24.73
CA ALA B 146 -6.14 -22.79 -25.26
C ALA B 146 -5.10 -23.87 -25.61
N ASP B 147 -3.94 -23.44 -26.09
CA ASP B 147 -2.89 -24.37 -26.45
C ASP B 147 -2.44 -25.15 -25.21
N VAL B 148 -2.31 -24.45 -24.07
CA VAL B 148 -1.91 -25.08 -22.83
C VAL B 148 -3.01 -26.05 -22.37
N ILE B 149 -4.26 -25.59 -22.43
CA ILE B 149 -5.39 -26.41 -22.02
C ILE B 149 -5.42 -27.69 -22.84
N GLY B 150 -5.38 -27.55 -24.16
CA GLY B 150 -5.52 -28.68 -25.04
C GLY B 150 -4.40 -29.70 -24.82
N GLY B 151 -3.18 -29.19 -24.69
CA GLY B 151 -2.06 -30.08 -24.53
C GLY B 151 -2.15 -30.82 -23.21
N HIS B 152 -2.60 -30.14 -22.17
CA HIS B 152 -2.71 -30.79 -20.88
C HIS B 152 -3.82 -31.83 -20.86
N MET B 153 -4.96 -31.51 -21.48
CA MET B 153 -6.02 -32.50 -21.56
C MET B 153 -5.56 -33.77 -22.28
N GLN B 154 -4.66 -33.66 -23.27
CA GLN B 154 -4.13 -34.82 -23.96
C GLN B 154 -3.19 -35.62 -23.04
N THR B 155 -2.55 -34.96 -22.06
CA THR B 155 -1.71 -35.65 -21.11
C THR B 155 -2.50 -36.49 -20.12
N LEU B 156 -3.71 -36.04 -19.76
CA LEU B 156 -4.44 -36.63 -18.65
C LEU B 156 -5.21 -37.89 -19.08
N GLN B 157 -5.26 -38.84 -18.17
CA GLN B 157 -6.08 -40.02 -18.35
C GLN B 157 -7.54 -39.67 -18.06
N LYS B 158 -8.46 -40.07 -18.96
CA LYS B 158 -9.87 -40.01 -18.64
C LYS B 158 -10.19 -41.13 -17.64
N THR C 8 -11.58 22.93 10.58
CA THR C 8 -11.88 21.54 10.14
C THR C 8 -13.18 21.01 10.74
N LYS C 9 -14.03 20.41 9.91
CA LYS C 9 -15.22 19.70 10.43
C LYS C 9 -14.93 18.24 10.06
N LEU C 10 -13.64 17.88 10.10
CA LEU C 10 -13.26 16.50 9.72
C LEU C 10 -13.92 15.52 10.69
N THR C 11 -14.59 14.51 10.15
CA THR C 11 -15.16 13.48 10.99
C THR C 11 -14.09 12.45 11.36
N LYS C 12 -14.38 11.64 12.39
CA LYS C 12 -13.50 10.57 12.77
C LYS C 12 -13.25 9.66 11.55
N ALA C 13 -14.32 9.31 10.83
CA ALA C 13 -14.19 8.39 9.71
C ALA C 13 -13.27 8.97 8.64
N GLU C 14 -13.44 10.26 8.35
CA GLU C 14 -12.58 10.97 7.42
C GLU C 14 -11.11 10.88 7.86
N LYS C 15 -10.82 11.26 9.10
CA LYS C 15 -9.46 11.28 9.60
C LYS C 15 -8.88 9.86 9.59
N ASP C 16 -9.68 8.87 9.96
CA ASP C 16 -9.20 7.49 9.96
C ASP C 16 -8.88 7.02 8.56
N ALA C 17 -9.71 7.38 7.57
CA ALA C 17 -9.50 6.95 6.19
C ALA C 17 -8.18 7.53 5.69
N VAL C 18 -7.91 8.80 6.04
CA VAL C 18 -6.69 9.45 5.63
C VAL C 18 -5.48 8.81 6.34
N ALA C 19 -5.59 8.59 7.66
CA ALA C 19 -4.48 8.05 8.42
C ALA C 19 -4.14 6.63 7.92
N ASN C 20 -5.15 5.80 7.66
CA ASN C 20 -4.89 4.44 7.19
C ASN C 20 -4.24 4.41 5.82
N SER C 21 -4.76 5.24 4.91
CA SER C 21 -4.21 5.27 3.58
C SER C 21 -2.80 5.82 3.62
N TRP C 22 -2.56 6.86 4.44
CA TRP C 22 -1.25 7.45 4.58
C TRP C 22 -0.25 6.46 5.20
N ALA C 23 -0.68 5.62 6.16
CA ALA C 23 0.27 4.69 6.78
C ALA C 23 0.85 3.75 5.74
N ALA C 24 0.04 3.41 4.72
CA ALA C 24 0.52 2.57 3.63
C ALA C 24 1.34 3.40 2.63
N LEU C 25 0.79 4.51 2.17
CA LEU C 25 1.46 5.35 1.19
C LEU C 25 2.85 5.79 1.61
N LYS C 26 3.02 6.24 2.88
CA LYS C 26 4.25 6.85 3.39
C LYS C 26 5.43 5.91 3.15
N GLN C 27 5.14 4.61 3.28
CA GLN C 27 6.18 3.60 3.20
C GLN C 27 6.64 3.43 1.76
N ASP C 28 5.77 3.76 0.81
CA ASP C 28 6.09 3.73 -0.59
C ASP C 28 6.68 5.04 -1.10
N TRP C 29 6.72 6.09 -0.27
CA TRP C 29 7.06 7.41 -0.78
C TRP C 29 8.49 7.46 -1.26
N LYS C 30 9.35 6.65 -0.65
CA LYS C 30 10.75 6.63 -1.14
C LYS C 30 10.78 6.12 -2.59
N THR C 31 9.86 5.22 -2.94
CA THR C 31 9.77 4.68 -4.29
C THR C 31 9.05 5.62 -5.25
N ILE C 32 7.96 6.24 -4.82
CA ILE C 32 7.03 6.89 -5.76
C ILE C 32 7.09 8.42 -5.64
N GLY C 33 7.78 8.94 -4.62
CA GLY C 33 7.70 10.38 -4.39
C GLY C 33 8.33 11.18 -5.51
N ALA C 34 9.53 10.79 -5.96
CA ALA C 34 10.18 11.55 -7.02
C ALA C 34 9.29 11.61 -8.27
N ASP C 35 8.60 10.52 -8.62
CA ASP C 35 7.74 10.52 -9.80
C ASP C 35 6.54 11.47 -9.62
N PHE C 36 6.07 11.63 -8.39
CA PHE C 36 5.04 12.60 -8.12
C PHE C 36 5.54 13.99 -8.48
N PHE C 37 6.74 14.36 -8.02
CA PHE C 37 7.26 15.70 -8.26
C PHE C 37 7.57 15.90 -9.74
N VAL C 38 8.03 14.85 -10.45
CA VAL C 38 8.19 14.93 -11.90
C VAL C 38 6.83 15.26 -12.56
N LYS C 39 5.75 14.56 -12.18
CA LYS C 39 4.42 14.84 -12.73
C LYS C 39 3.98 16.27 -12.38
N LEU C 40 4.23 16.68 -11.13
CA LEU C 40 3.87 18.03 -10.74
C LEU C 40 4.60 19.07 -11.60
N PHE C 41 5.90 18.87 -11.81
CA PHE C 41 6.72 19.83 -12.54
C PHE C 41 6.35 19.85 -14.03
N GLU C 42 6.01 18.69 -14.56
CA GLU C 42 5.59 18.60 -15.96
C GLU C 42 4.21 19.26 -16.19
N THR C 43 3.34 19.13 -15.21
CA THR C 43 1.98 19.61 -15.30
C THR C 43 1.98 21.13 -15.09
N TYR C 44 2.85 21.59 -14.17
CA TYR C 44 2.88 22.99 -13.73
C TYR C 44 4.29 23.50 -13.84
N PRO C 45 4.66 23.99 -15.03
CA PRO C 45 5.99 24.54 -15.21
C PRO C 45 6.37 25.64 -14.23
N ASN C 46 5.41 26.40 -13.72
CA ASN C 46 5.75 27.50 -12.79
C ASN C 46 6.15 26.92 -11.44
N ILE C 47 5.62 25.75 -11.09
CA ILE C 47 6.01 25.14 -9.83
C ILE C 47 7.45 24.67 -9.95
N LYS C 48 7.78 24.03 -11.09
CA LYS C 48 9.15 23.64 -11.35
C LYS C 48 10.10 24.82 -11.18
N ALA C 49 9.70 26.01 -11.66
CA ALA C 49 10.57 27.17 -11.72
C ALA C 49 10.95 27.69 -10.35
N TYR C 50 10.19 27.36 -9.28
CA TYR C 50 10.58 27.79 -7.95
C TYR C 50 11.89 27.14 -7.53
N PHE C 51 12.20 25.97 -8.08
CA PHE C 51 13.42 25.22 -7.80
C PHE C 51 14.51 25.65 -8.78
N LYS C 52 15.22 26.72 -8.43
CA LYS C 52 16.11 27.37 -9.37
CA LYS C 52 16.12 27.37 -9.36
C LYS C 52 17.25 26.41 -9.74
N SER C 53 17.58 25.48 -8.84
CA SER C 53 18.64 24.51 -9.10
C SER C 53 18.27 23.51 -10.20
N PHE C 54 17.02 23.54 -10.70
CA PHE C 54 16.61 22.65 -11.78
C PHE C 54 16.41 23.38 -13.13
N ASP C 55 16.83 24.64 -13.25
CA ASP C 55 16.48 25.46 -14.41
C ASP C 55 16.93 24.82 -15.74
N ASN C 56 18.22 24.53 -15.88
CA ASN C 56 18.74 24.09 -17.17
C ASN C 56 18.92 22.57 -17.18
N MET C 57 18.17 21.90 -16.30
CA MET C 57 18.41 20.50 -16.01
C MET C 57 17.36 19.65 -16.69
N ASP C 58 17.78 18.51 -17.26
CA ASP C 58 16.89 17.48 -17.80
C ASP C 58 16.05 16.88 -16.68
N MET C 59 14.89 16.31 -17.02
CA MET C 59 13.98 15.81 -16.01
C MET C 59 14.54 14.53 -15.41
N SER C 60 15.28 13.80 -16.26
CA SER C 60 16.01 12.61 -15.84
CA SER C 60 16.00 12.61 -15.82
C SER C 60 16.99 12.95 -14.71
N GLU C 61 17.68 14.09 -14.84
CA GLU C 61 18.66 14.56 -13.86
CA GLU C 61 18.65 14.48 -13.83
C GLU C 61 17.92 15.09 -12.63
N ILE C 62 16.81 15.80 -12.88
CA ILE C 62 16.03 16.32 -11.76
C ILE C 62 15.55 15.16 -10.89
N LYS C 63 14.97 14.14 -11.53
CA LYS C 63 14.42 12.98 -10.86
C LYS C 63 15.44 12.32 -9.93
N GLN C 64 16.72 12.33 -10.30
CA GLN C 64 17.79 11.67 -9.57
C GLN C 64 18.50 12.62 -8.59
N SER C 65 18.11 13.89 -8.56
CA SER C 65 18.84 14.86 -7.79
CA SER C 65 18.79 14.90 -7.80
C SER C 65 18.61 14.60 -6.31
N PRO C 66 19.67 14.73 -5.49
CA PRO C 66 19.49 14.71 -4.03
C PRO C 66 18.56 15.83 -3.56
N LYS C 67 18.60 16.98 -4.24
CA LYS C 67 17.73 18.11 -3.92
C LYS C 67 16.27 17.71 -4.04
N LEU C 68 15.90 17.04 -5.14
CA LEU C 68 14.51 16.62 -5.26
C LEU C 68 14.16 15.62 -4.18
N ARG C 69 15.07 14.69 -3.88
CA ARG C 69 14.80 13.69 -2.88
C ARG C 69 14.63 14.35 -1.52
N ALA C 70 15.44 15.36 -1.23
CA ALA C 70 15.32 16.04 0.06
C ALA C 70 13.98 16.77 0.15
N HIS C 71 13.55 17.42 -0.94
CA HIS C 71 12.26 18.11 -0.88
C HIS C 71 11.12 17.10 -0.76
N SER C 72 11.26 15.95 -1.44
CA SER C 72 10.27 14.88 -1.37
C SER C 72 10.14 14.34 0.04
N ILE C 73 11.25 14.24 0.76
CA ILE C 73 11.22 13.89 2.17
C ILE C 73 10.57 14.97 3.02
N ASN C 74 10.95 16.22 2.77
CA ASN C 74 10.33 17.36 3.40
C ASN C 74 8.81 17.35 3.21
N PHE C 75 8.35 16.99 2.00
CA PHE C 75 6.93 16.93 1.71
C PHE C 75 6.25 15.85 2.52
N CYS C 76 6.83 14.65 2.52
CA CYS C 76 6.11 13.57 3.17
C CYS C 76 6.17 13.73 4.69
N HIS C 77 7.28 14.29 5.18
CA HIS C 77 7.33 14.53 6.64
C HIS C 77 6.38 15.64 7.08
N GLY C 78 6.29 16.69 6.28
CA GLY C 78 5.31 17.73 6.57
C GLY C 78 3.90 17.18 6.56
N LEU C 79 3.54 16.42 5.51
CA LEU C 79 2.22 15.82 5.48
C LEU C 79 2.02 14.98 6.72
N ASN C 80 3.02 14.14 7.04
CA ASN C 80 2.89 13.26 8.18
C ASN C 80 2.59 14.06 9.45
N SER C 81 3.29 15.18 9.61
CA SER C 81 3.13 15.97 10.81
C SER C 81 1.71 16.53 10.90
N PHE C 82 1.16 16.89 9.74
CA PHE C 82 -0.20 17.37 9.72
C PHE C 82 -1.21 16.26 10.03
N ILE C 83 -1.05 15.11 9.43
CA ILE C 83 -2.02 14.03 9.62
C ILE C 83 -1.97 13.53 11.07
N GLN C 84 -0.77 13.45 11.61
CA GLN C 84 -0.57 13.15 13.03
C GLN C 84 -1.35 14.10 13.94
N SER C 85 -1.56 15.35 13.52
CA SER C 85 -2.11 16.42 14.34
C SER C 85 -3.58 16.71 14.04
N LEU C 86 -4.28 15.85 13.26
CA LEU C 86 -5.66 16.16 12.93
C LEU C 86 -6.58 16.20 14.14
N ASP C 87 -6.22 15.54 15.24
CA ASP C 87 -6.99 15.61 16.48
C ASP C 87 -6.51 16.74 17.39
N GLU C 88 -5.53 17.51 16.93
CA GLU C 88 -4.95 18.62 17.70
C GLU C 88 -4.92 19.83 16.80
N PRO C 89 -6.10 20.44 16.51
CA PRO C 89 -6.19 21.49 15.51
C PRO C 89 -5.33 22.71 15.78
N ASP C 90 -5.10 23.02 17.05
CA ASP C 90 -4.22 24.16 17.35
C ASP C 90 -2.77 23.85 16.97
N VAL C 91 -2.33 22.59 17.18
CA VAL C 91 -1.00 22.19 16.77
C VAL C 91 -0.88 22.15 15.25
N LEU C 92 -1.91 21.59 14.60
CA LEU C 92 -1.95 21.58 13.13
C LEU C 92 -1.71 22.98 12.58
N VAL C 93 -2.44 23.98 13.13
CA VAL C 93 -2.39 25.33 12.59
C VAL C 93 -0.97 25.87 12.75
N ILE C 94 -0.35 25.62 13.92
CA ILE C 94 1.02 26.05 14.13
C ILE C 94 1.93 25.44 13.08
N LEU C 95 1.84 24.12 12.93
CA LEU C 95 2.75 23.44 12.01
C LEU C 95 2.57 23.96 10.58
N VAL C 96 1.32 24.17 10.17
CA VAL C 96 1.06 24.60 8.81
C VAL C 96 1.49 26.07 8.61
N GLN C 97 1.39 26.89 9.66
CA GLN C 97 1.88 28.26 9.60
C GLN C 97 3.38 28.34 9.36
N LYS C 98 4.18 27.45 9.96
CA LYS C 98 5.62 27.48 9.75
C LYS C 98 5.95 27.15 8.29
N LEU C 99 5.28 26.11 7.76
CA LEU C 99 5.40 25.79 6.33
C LEU C 99 5.10 27.03 5.48
N THR C 100 4.02 27.71 5.83
CA THR C 100 3.51 28.83 5.08
C THR C 100 4.55 29.95 5.04
N VAL C 101 5.16 30.28 6.18
CA VAL C 101 6.10 31.40 6.21
C VAL C 101 7.25 31.18 5.23
N ASN C 102 7.82 29.98 5.28
CA ASN C 102 8.99 29.66 4.52
C ASN C 102 8.69 29.73 3.02
N HIS C 103 7.54 29.19 2.61
CA HIS C 103 7.19 29.26 1.18
C HIS C 103 6.72 30.65 0.73
N PHE C 104 6.00 31.38 1.61
CA PHE C 104 5.60 32.76 1.37
C PHE C 104 6.84 33.61 1.05
N ARG C 105 7.93 33.37 1.74
CA ARG C 105 9.16 34.12 1.53
C ARG C 105 9.72 33.88 0.14
N ARG C 106 9.37 32.74 -0.48
CA ARG C 106 9.77 32.42 -1.84
C ARG C 106 8.77 32.87 -2.88
N LYS C 107 7.73 33.62 -2.47
CA LYS C 107 6.72 34.20 -3.34
C LYS C 107 5.86 33.10 -3.95
N ILE C 108 5.72 31.99 -3.22
CA ILE C 108 4.80 30.92 -3.58
C ILE C 108 3.46 31.25 -2.96
N ALA C 109 2.45 31.31 -3.82
CA ALA C 109 1.07 31.52 -3.45
C ALA C 109 0.40 30.24 -2.96
N VAL C 110 -0.68 30.39 -2.19
CA VAL C 110 -1.46 29.23 -1.74
C VAL C 110 -1.95 28.44 -2.95
N ASP C 111 -2.22 29.14 -4.05
CA ASP C 111 -2.66 28.48 -5.27
C ASP C 111 -1.76 27.30 -5.67
N ARG C 112 -0.45 27.44 -5.46
CA ARG C 112 0.51 26.42 -5.85
C ARG C 112 0.34 25.17 -4.96
N PHE C 113 0.09 25.40 -3.67
CA PHE C 113 -0.22 24.27 -2.80
C PHE C 113 -1.52 23.60 -3.23
N GLN C 114 -2.54 24.38 -3.62
CA GLN C 114 -3.80 23.81 -4.04
C GLN C 114 -3.56 22.91 -5.25
N GLU C 115 -2.68 23.34 -6.14
CA GLU C 115 -2.36 22.55 -7.33
C GLU C 115 -1.68 21.23 -6.92
N ALA C 116 -0.68 21.33 -6.05
CA ALA C 116 0.11 20.19 -5.62
C ALA C 116 -0.79 19.20 -4.87
N PHE C 117 -1.68 19.72 -4.02
CA PHE C 117 -2.54 18.88 -3.21
C PHE C 117 -3.51 18.12 -4.10
N ALA C 118 -4.13 18.81 -5.06
CA ALA C 118 -5.08 18.11 -5.96
C ALA C 118 -4.39 17.00 -6.75
N LEU C 119 -3.20 17.31 -7.30
CA LEU C 119 -2.46 16.33 -8.07
C LEU C 119 -2.04 15.18 -7.16
N TYR C 120 -1.66 15.49 -5.91
CA TYR C 120 -1.32 14.45 -4.94
C TYR C 120 -2.49 13.50 -4.67
N VAL C 121 -3.71 14.00 -4.47
CA VAL C 121 -4.83 13.11 -4.12
C VAL C 121 -5.06 12.14 -5.29
N SER C 122 -4.98 12.67 -6.52
CA SER C 122 -5.18 11.84 -7.72
C SER C 122 -4.11 10.76 -7.83
N TYR C 123 -2.87 11.14 -7.55
CA TYR C 123 -1.69 10.30 -7.66
C TYR C 123 -1.74 9.21 -6.61
N ALA C 124 -2.16 9.59 -5.37
CA ALA C 124 -2.29 8.64 -4.29
C ALA C 124 -3.39 7.63 -4.60
N GLN C 125 -4.50 8.10 -5.15
CA GLN C 125 -5.64 7.24 -5.43
C GLN C 125 -5.24 6.25 -6.53
N ASP C 126 -4.47 6.71 -7.51
CA ASP C 126 -4.09 5.84 -8.61
CA ASP C 126 -4.08 5.85 -8.61
C ASP C 126 -3.09 4.79 -8.12
N HIS C 127 -2.21 5.17 -7.20
CA HIS C 127 -1.23 4.26 -6.61
C HIS C 127 -1.92 3.21 -5.72
N ALA C 128 -2.69 3.67 -4.74
CA ALA C 128 -3.20 2.79 -3.67
C ALA C 128 -4.55 2.17 -4.02
N LYS C 129 -5.31 2.81 -4.94
CA LYS C 129 -6.63 2.39 -5.39
C LYS C 129 -7.64 2.34 -4.25
N PHE C 130 -7.55 3.32 -3.34
CA PHE C 130 -8.56 3.50 -2.33
C PHE C 130 -9.85 4.05 -2.95
N ASP C 131 -10.91 3.97 -2.17
CA ASP C 131 -12.25 4.31 -2.58
C ASP C 131 -12.45 5.82 -2.64
N ASP C 132 -13.57 6.20 -3.25
CA ASP C 132 -13.88 7.62 -3.39
C ASP C 132 -14.12 8.28 -2.03
N PHE C 133 -14.60 7.54 -1.04
CA PHE C 133 -14.71 8.11 0.30
C PHE C 133 -13.33 8.61 0.76
N THR C 134 -12.32 7.76 0.62
CA THR C 134 -10.98 8.05 1.08
C THR C 134 -10.42 9.23 0.29
N ALA C 135 -10.63 9.25 -1.04
CA ALA C 135 -10.20 10.38 -1.85
C ALA C 135 -10.84 11.69 -1.35
N ALA C 136 -12.16 11.69 -1.11
CA ALA C 136 -12.87 12.85 -0.63
C ALA C 136 -12.31 13.30 0.73
N ALA C 137 -11.95 12.33 1.58
CA ALA C 137 -11.43 12.63 2.90
C ALA C 137 -10.06 13.30 2.78
N TRP C 138 -9.22 12.81 1.85
CA TRP C 138 -7.96 13.46 1.58
C TRP C 138 -8.19 14.90 1.12
N THR C 139 -9.10 15.08 0.16
CA THR C 139 -9.36 16.39 -0.41
C THR C 139 -9.77 17.36 0.71
N LYS C 140 -10.66 16.90 1.58
CA LYS C 140 -11.18 17.71 2.66
C LYS C 140 -10.06 18.08 3.65
N THR C 141 -9.22 17.09 4.01
CA THR C 141 -8.09 17.27 4.91
C THR C 141 -7.10 18.30 4.34
N LEU C 142 -6.79 18.18 3.05
CA LEU C 142 -5.86 19.10 2.45
C LEU C 142 -6.50 20.46 2.21
N LYS C 143 -7.84 20.53 2.15
CA LYS C 143 -8.49 21.82 2.10
C LYS C 143 -8.36 22.51 3.48
N VAL C 144 -8.46 21.75 4.57
CA VAL C 144 -8.16 22.32 5.89
C VAL C 144 -6.78 22.95 5.90
N VAL C 145 -5.80 22.20 5.38
CA VAL C 145 -4.43 22.65 5.37
C VAL C 145 -4.32 23.91 4.49
N ALA C 146 -4.84 23.88 3.25
CA ALA C 146 -4.75 25.03 2.35
C ALA C 146 -5.48 26.26 2.90
N ASP C 147 -6.57 26.06 3.64
CA ASP C 147 -7.28 27.15 4.30
C ASP C 147 -6.32 27.85 5.27
N VAL C 148 -5.56 27.06 6.04
CA VAL C 148 -4.58 27.64 6.97
C VAL C 148 -3.51 28.39 6.21
N ILE C 149 -2.98 27.75 5.16
CA ILE C 149 -1.92 28.37 4.39
C ILE C 149 -2.40 29.71 3.84
N GLY C 150 -3.56 29.72 3.16
CA GLY C 150 -4.07 30.92 2.53
C GLY C 150 -4.29 32.05 3.54
N GLY C 151 -4.95 31.76 4.66
CA GLY C 151 -5.20 32.80 5.65
C GLY C 151 -3.89 33.33 6.20
N HIS C 152 -2.92 32.45 6.44
CA HIS C 152 -1.68 32.92 7.05
C HIS C 152 -0.88 33.75 6.04
N MET C 153 -0.99 33.42 4.76
CA MET C 153 -0.30 34.24 3.77
C MET C 153 -0.91 35.65 3.73
N GLN C 154 -2.21 35.76 3.98
CA GLN C 154 -2.93 37.02 4.04
C GLN C 154 -2.40 37.83 5.23
N THR C 155 -2.18 37.15 6.36
CA THR C 155 -1.63 37.79 7.56
C THR C 155 -0.23 38.29 7.29
N LEU C 156 0.62 37.43 6.71
CA LEU C 156 1.98 37.81 6.39
C LEU C 156 1.97 38.99 5.41
N GLN C 157 1.08 39.00 4.42
CA GLN C 157 1.01 40.11 3.48
C GLN C 157 0.65 41.40 4.25
N LYS C 158 -0.23 41.24 5.25
CA LYS C 158 -0.73 42.21 6.21
CA LYS C 158 -0.69 42.25 6.19
C LYS C 158 -1.77 43.11 5.51
N THR D 8 29.64 9.34 6.68
CA THR D 8 29.29 8.58 7.91
C THR D 8 30.09 7.27 7.92
N LYS D 9 30.80 7.03 9.04
CA LYS D 9 31.55 5.81 9.31
C LYS D 9 30.73 4.98 10.30
N LEU D 10 29.43 5.20 10.30
CA LEU D 10 28.49 4.38 11.03
C LEU D 10 28.49 2.99 10.43
N THR D 11 28.48 1.97 11.30
CA THR D 11 28.39 0.60 10.84
C THR D 11 26.93 0.22 10.62
N LYS D 12 26.73 -0.83 9.84
CA LYS D 12 25.37 -1.27 9.62
C LYS D 12 24.72 -1.62 10.96
N ALA D 13 25.46 -2.24 11.89
CA ALA D 13 24.87 -2.61 13.17
C ALA D 13 24.47 -1.36 13.95
N GLU D 14 25.29 -0.31 13.89
CA GLU D 14 24.98 0.94 14.59
C GLU D 14 23.73 1.61 14.02
N LYS D 15 23.66 1.75 12.70
CA LYS D 15 22.49 2.31 12.04
C LYS D 15 21.25 1.46 12.31
N ASP D 16 21.35 0.12 12.27
CA ASP D 16 20.20 -0.72 12.56
C ASP D 16 19.71 -0.55 13.99
N ALA D 17 20.65 -0.36 14.92
CA ALA D 17 20.32 -0.21 16.33
C ALA D 17 19.57 1.09 16.56
N VAL D 18 20.00 2.14 15.88
CA VAL D 18 19.32 3.43 15.91
C VAL D 18 17.95 3.36 15.24
N ALA D 19 17.85 2.76 14.04
CA ALA D 19 16.58 2.67 13.33
C ALA D 19 15.58 1.85 14.13
N ASN D 20 16.03 0.69 14.64
CA ASN D 20 15.17 -0.17 15.42
C ASN D 20 14.66 0.54 16.68
N SER D 21 15.56 1.19 17.41
CA SER D 21 15.12 1.86 18.63
CA SER D 21 15.25 1.96 18.60
C SER D 21 14.24 3.06 18.28
N TRP D 22 14.56 3.80 17.23
CA TRP D 22 13.78 4.95 16.82
C TRP D 22 12.37 4.48 16.42
N ALA D 23 12.28 3.36 15.72
CA ALA D 23 10.97 2.90 15.32
C ALA D 23 10.04 2.69 16.52
N ALA D 24 10.54 2.29 17.70
CA ALA D 24 9.68 2.21 18.88
C ALA D 24 9.47 3.59 19.51
N LEU D 25 10.57 4.31 19.68
CA LEU D 25 10.51 5.58 20.39
C LEU D 25 9.55 6.56 19.72
N LYS D 26 9.55 6.59 18.37
CA LYS D 26 8.81 7.62 17.65
C LYS D 26 7.32 7.53 17.99
N GLN D 27 6.81 6.34 18.32
CA GLN D 27 5.41 6.17 18.63
C GLN D 27 5.08 6.79 19.99
N ASP D 28 6.01 6.70 20.94
CA ASP D 28 5.80 7.22 22.28
C ASP D 28 6.13 8.72 22.31
N TRP D 29 6.90 9.20 21.34
CA TRP D 29 7.36 10.59 21.36
C TRP D 29 6.17 11.54 21.39
N LYS D 30 5.07 11.10 20.78
CA LYS D 30 3.87 11.89 20.70
C LYS D 30 3.46 12.23 22.13
N THR D 31 3.71 11.30 23.08
CA THR D 31 3.37 11.34 24.51
C THR D 31 4.49 11.92 25.38
N ILE D 32 5.75 11.57 25.10
CA ILE D 32 6.85 11.88 25.99
C ILE D 32 7.69 13.06 25.52
N GLY D 33 7.46 13.56 24.29
CA GLY D 33 8.32 14.60 23.74
C GLY D 33 8.26 15.94 24.49
N ALA D 34 7.05 16.36 24.89
CA ALA D 34 6.92 17.61 25.63
C ALA D 34 7.72 17.57 26.93
N ASP D 35 7.66 16.46 27.66
CA ASP D 35 8.40 16.27 28.89
C ASP D 35 9.91 16.36 28.62
N PHE D 36 10.37 15.86 27.48
CA PHE D 36 11.78 15.99 27.17
C PHE D 36 12.19 17.46 27.05
N PHE D 37 11.34 18.26 26.38
CA PHE D 37 11.67 19.66 26.19
C PHE D 37 11.58 20.40 27.52
N VAL D 38 10.63 20.03 28.37
CA VAL D 38 10.60 20.65 29.69
C VAL D 38 11.94 20.41 30.39
N LYS D 39 12.38 19.15 30.37
CA LYS D 39 13.64 18.81 31.01
C LYS D 39 14.80 19.58 30.41
N LEU D 40 14.80 19.72 29.09
CA LEU D 40 15.81 20.50 28.39
C LEU D 40 15.80 21.96 28.88
N PHE D 41 14.60 22.56 28.91
CA PHE D 41 14.46 23.95 29.31
C PHE D 41 14.90 24.15 30.76
N GLU D 42 14.58 23.19 31.62
CA GLU D 42 14.93 23.29 33.03
C GLU D 42 16.43 23.27 33.22
N THR D 43 17.14 22.38 32.51
CA THR D 43 18.59 22.34 32.55
C THR D 43 19.22 23.58 31.91
N TYR D 44 18.65 24.01 30.78
CA TYR D 44 19.26 25.00 29.93
C TYR D 44 18.30 26.17 29.74
N PRO D 45 18.29 27.14 30.67
CA PRO D 45 17.39 28.28 30.52
C PRO D 45 17.69 29.07 29.24
N ASN D 46 18.93 29.04 28.77
CA ASN D 46 19.29 29.76 27.55
C ASN D 46 18.60 29.12 26.32
N ILE D 47 18.37 27.82 26.37
CA ILE D 47 17.63 27.15 25.29
C ILE D 47 16.17 27.60 25.32
N LYS D 48 15.61 27.62 26.53
CA LYS D 48 14.25 28.07 26.73
C LYS D 48 14.06 29.47 26.17
N ALA D 49 15.04 30.32 26.42
CA ALA D 49 14.97 31.72 26.03
C ALA D 49 14.87 31.94 24.52
N TYR D 50 15.31 31.00 23.67
CA TYR D 50 15.14 31.14 22.23
C TYR D 50 13.66 31.12 21.80
N PHE D 51 12.81 30.52 22.64
CA PHE D 51 11.37 30.43 22.44
C PHE D 51 10.73 31.58 23.19
N LYS D 52 10.69 32.74 22.50
CA LYS D 52 10.20 33.96 23.12
C LYS D 52 8.73 33.85 23.51
N SER D 53 7.98 32.93 22.91
CA SER D 53 6.59 32.73 23.29
C SER D 53 6.44 32.35 24.75
N PHE D 54 7.47 31.70 25.33
CA PHE D 54 7.37 31.20 26.68
C PHE D 54 7.92 32.17 27.72
N ASP D 55 8.33 33.36 27.31
CA ASP D 55 9.00 34.26 28.25
C ASP D 55 8.24 34.50 29.57
N ASN D 56 6.91 34.56 29.54
CA ASN D 56 6.32 35.00 30.81
C ASN D 56 5.54 33.88 31.48
N MET D 57 5.86 32.63 31.12
CA MET D 57 4.95 31.57 31.45
C MET D 57 5.66 30.66 32.46
N ASP D 58 4.83 30.09 33.32
CA ASP D 58 5.23 29.02 34.22
CA ASP D 58 5.29 29.04 34.22
C ASP D 58 5.45 27.76 33.41
N MET D 59 6.31 26.88 33.90
CA MET D 59 6.66 25.70 33.16
C MET D 59 5.46 24.75 32.98
N SER D 60 4.49 24.73 33.93
CA SER D 60 3.31 23.88 33.82
C SER D 60 2.46 24.24 32.60
N GLU D 61 2.43 25.53 32.26
CA GLU D 61 1.72 26.02 31.08
C GLU D 61 2.55 25.82 29.80
N ILE D 62 3.88 26.02 29.86
CA ILE D 62 4.76 25.74 28.73
C ILE D 62 4.59 24.28 28.32
N LYS D 63 4.62 23.38 29.33
CA LYS D 63 4.48 21.94 29.10
CA LYS D 63 4.53 21.95 29.03
C LYS D 63 3.27 21.62 28.22
N GLN D 64 2.14 22.34 28.45
CA GLN D 64 0.89 22.07 27.76
C GLN D 64 0.76 22.86 26.46
N SER D 65 1.74 23.70 26.10
CA SER D 65 1.59 24.66 25.00
C SER D 65 1.52 23.93 23.68
N PRO D 66 0.57 24.28 22.80
CA PRO D 66 0.60 23.73 21.43
C PRO D 66 1.92 24.06 20.72
N LYS D 67 2.56 25.17 21.08
CA LYS D 67 3.82 25.52 20.44
C LYS D 67 4.95 24.59 20.85
N LEU D 68 4.93 24.17 22.10
CA LEU D 68 5.92 23.22 22.59
C LEU D 68 5.70 21.89 21.87
N ARG D 69 4.43 21.45 21.80
CA ARG D 69 4.11 20.21 21.10
CA ARG D 69 4.09 20.22 21.10
C ARG D 69 4.51 20.30 19.63
N ALA D 70 4.26 21.45 19.00
CA ALA D 70 4.63 21.63 17.60
C ALA D 70 6.14 21.48 17.41
N HIS D 71 6.95 22.10 18.28
CA HIS D 71 8.37 21.99 18.08
C HIS D 71 8.82 20.55 18.35
N SER D 72 8.15 19.87 19.28
CA SER D 72 8.50 18.50 19.63
C SER D 72 8.24 17.57 18.44
N ILE D 73 7.15 17.84 17.74
CA ILE D 73 6.85 17.17 16.48
C ILE D 73 7.88 17.52 15.41
N ASN D 74 8.28 18.78 15.31
CA ASN D 74 9.33 19.21 14.37
C ASN D 74 10.65 18.49 14.69
N PHE D 75 10.97 18.34 16.01
CA PHE D 75 12.15 17.58 16.41
C PHE D 75 12.09 16.12 15.95
N CYS D 76 11.00 15.44 16.24
CA CYS D 76 11.02 14.03 15.93
CA CYS D 76 10.84 14.04 15.93
C CYS D 76 10.92 13.82 14.42
N HIS D 77 10.23 14.69 13.69
CA HIS D 77 10.22 14.49 12.25
C HIS D 77 11.60 14.77 11.66
N GLY D 78 12.27 15.81 12.16
CA GLY D 78 13.61 16.08 11.72
C GLY D 78 14.51 14.87 11.96
N LEU D 79 14.51 14.36 13.19
CA LEU D 79 15.35 13.19 13.49
C LEU D 79 14.96 12.02 12.57
N ASN D 80 13.65 11.86 12.35
CA ASN D 80 13.23 10.76 11.48
C ASN D 80 13.84 10.93 10.09
N SER D 81 13.81 12.17 9.59
CA SER D 81 14.26 12.48 8.24
C SER D 81 15.75 12.15 8.12
N PHE D 82 16.50 12.39 9.22
CA PHE D 82 17.93 12.15 9.24
C PHE D 82 18.19 10.65 9.28
N ILE D 83 17.47 9.92 10.15
CA ILE D 83 17.68 8.51 10.37
C ILE D 83 17.33 7.76 9.07
N GLN D 84 16.26 8.18 8.41
CA GLN D 84 15.86 7.56 7.16
C GLN D 84 16.90 7.81 6.06
N SER D 85 17.71 8.89 6.16
CA SER D 85 18.67 9.25 5.13
C SER D 85 20.10 8.80 5.44
N LEU D 86 20.32 7.97 6.47
CA LEU D 86 21.66 7.62 6.88
C LEU D 86 22.44 6.96 5.71
N ASP D 87 21.71 6.25 4.86
CA ASP D 87 22.31 5.56 3.70
C ASP D 87 22.31 6.43 2.44
N GLU D 88 21.92 7.70 2.56
CA GLU D 88 21.94 8.66 1.46
C GLU D 88 22.65 9.93 1.91
N PRO D 89 24.00 9.92 2.07
CA PRO D 89 24.71 11.05 2.68
C PRO D 89 24.50 12.42 2.06
N ASP D 90 24.33 12.51 0.71
CA ASP D 90 24.07 13.80 0.10
C ASP D 90 22.73 14.34 0.60
N VAL D 91 21.74 13.44 0.72
CA VAL D 91 20.41 13.86 1.12
C VAL D 91 20.47 14.23 2.61
N LEU D 92 21.11 13.39 3.42
CA LEU D 92 21.26 13.76 4.83
C LEU D 92 21.86 15.15 5.00
N VAL D 93 22.94 15.48 4.26
CA VAL D 93 23.60 16.74 4.46
C VAL D 93 22.69 17.89 4.07
N ILE D 94 21.91 17.72 3.00
CA ILE D 94 21.02 18.77 2.61
C ILE D 94 19.99 19.02 3.73
N LEU D 95 19.41 17.95 4.27
CA LEU D 95 18.34 18.07 5.28
C LEU D 95 18.91 18.74 6.52
N VAL D 96 20.11 18.33 6.94
CA VAL D 96 20.73 18.89 8.12
C VAL D 96 21.15 20.34 7.91
N GLN D 97 21.68 20.69 6.72
CA GLN D 97 22.08 22.07 6.47
C GLN D 97 20.86 23.02 6.46
N LYS D 98 19.68 22.55 6.04
CA LYS D 98 18.49 23.38 6.11
CA LYS D 98 18.48 23.38 6.11
C LYS D 98 18.11 23.64 7.57
N LEU D 99 18.16 22.59 8.39
CA LEU D 99 17.97 22.75 9.82
C LEU D 99 18.92 23.80 10.35
N THR D 100 20.17 23.69 9.92
CA THR D 100 21.21 24.55 10.46
C THR D 100 20.90 26.02 10.14
N VAL D 101 20.60 26.33 8.87
CA VAL D 101 20.31 27.69 8.40
CA VAL D 101 20.41 27.73 8.49
C VAL D 101 19.23 28.34 9.27
N ASN D 102 18.13 27.59 9.41
CA ASN D 102 16.96 28.06 10.14
C ASN D 102 17.28 28.39 11.59
N HIS D 103 18.03 27.51 12.27
CA HIS D 103 18.41 27.77 13.64
C HIS D 103 19.57 28.78 13.76
N PHE D 104 20.51 28.77 12.82
CA PHE D 104 21.61 29.76 12.84
C PHE D 104 21.08 31.19 12.72
N ARG D 105 20.02 31.36 11.95
CA ARG D 105 19.33 32.63 11.82
C ARG D 105 18.76 33.12 13.15
N ARG D 106 18.47 32.20 14.09
CA ARG D 106 17.99 32.55 15.42
C ARG D 106 19.13 32.67 16.42
N LYS D 107 20.40 32.71 15.98
CA LYS D 107 21.57 32.87 16.84
C LYS D 107 21.74 31.67 17.76
N ILE D 108 21.32 30.50 17.28
CA ILE D 108 21.56 29.27 18.04
C ILE D 108 22.88 28.67 17.57
N ALA D 109 23.76 28.34 18.51
CA ALA D 109 25.05 27.74 18.19
C ALA D 109 24.95 26.22 18.21
N VAL D 110 25.91 25.55 17.57
CA VAL D 110 25.87 24.09 17.52
C VAL D 110 25.91 23.52 18.93
N ASP D 111 26.51 24.25 19.88
CA ASP D 111 26.64 23.82 21.27
C ASP D 111 25.25 23.52 21.85
N ARG D 112 24.21 24.27 21.43
CA ARG D 112 22.86 24.01 21.92
C ARG D 112 22.33 22.66 21.41
N PHE D 113 22.58 22.33 20.14
CA PHE D 113 22.24 21.02 19.63
C PHE D 113 23.02 19.94 20.39
N GLN D 114 24.31 20.16 20.66
CA GLN D 114 25.07 19.17 21.42
C GLN D 114 24.44 18.92 22.80
N GLU D 115 24.02 19.99 23.48
CA GLU D 115 23.32 19.87 24.75
C GLU D 115 22.04 19.04 24.62
N ALA D 116 21.23 19.38 23.61
CA ALA D 116 19.99 18.69 23.40
C ALA D 116 20.22 17.20 23.09
N PHE D 117 21.19 16.89 22.22
CA PHE D 117 21.47 15.51 21.80
C PHE D 117 21.94 14.70 23.01
N ALA D 118 22.77 15.29 23.86
CA ALA D 118 23.32 14.58 25.01
C ALA D 118 22.21 14.23 25.99
N LEU D 119 21.28 15.17 26.18
CA LEU D 119 20.18 14.93 27.06
C LEU D 119 19.23 13.91 26.44
N TYR D 120 18.98 14.04 25.11
CA TYR D 120 18.08 13.15 24.42
C TYR D 120 18.53 11.69 24.58
N VAL D 121 19.80 11.36 24.40
CA VAL D 121 20.18 9.96 24.39
C VAL D 121 19.83 9.33 25.75
N SER D 122 20.15 10.06 26.82
CA SER D 122 19.85 9.62 28.18
CA SER D 122 19.86 9.56 28.14
C SER D 122 18.35 9.46 28.40
N TYR D 123 17.59 10.45 27.95
CA TYR D 123 16.14 10.45 28.09
C TYR D 123 15.52 9.25 27.36
N ALA D 124 16.01 9.03 26.15
CA ALA D 124 15.52 7.94 25.32
C ALA D 124 15.86 6.59 25.94
N GLN D 125 17.10 6.46 26.42
CA GLN D 125 17.54 5.20 27.01
C GLN D 125 16.69 4.89 28.24
N ASP D 126 16.40 5.93 29.01
CA ASP D 126 15.65 5.75 30.24
C ASP D 126 14.23 5.27 29.95
N HIS D 127 13.62 5.84 28.90
CA HIS D 127 12.30 5.47 28.48
C HIS D 127 12.29 4.04 27.93
N ALA D 128 13.18 3.76 26.99
CA ALA D 128 13.07 2.56 26.17
C ALA D 128 13.83 1.40 26.81
N LYS D 129 14.79 1.71 27.69
CA LYS D 129 15.68 0.75 28.34
C LYS D 129 16.48 -0.05 27.31
N PHE D 130 16.86 0.58 26.19
CA PHE D 130 17.69 -0.09 25.21
C PHE D 130 19.09 -0.21 25.77
N ASP D 131 19.91 -1.06 25.15
CA ASP D 131 21.22 -1.43 25.70
C ASP D 131 22.26 -0.34 25.45
N ASP D 132 23.44 -0.53 26.03
CA ASP D 132 24.52 0.44 25.93
C ASP D 132 25.13 0.48 24.53
N PHE D 133 25.08 -0.63 23.79
CA PHE D 133 25.42 -0.60 22.37
C PHE D 133 24.54 0.42 21.63
N THR D 134 23.25 0.39 21.95
CA THR D 134 22.29 1.22 21.25
C THR D 134 22.49 2.68 21.66
N ALA D 135 22.74 2.93 22.96
CA ALA D 135 23.04 4.29 23.40
C ALA D 135 24.26 4.85 22.68
N ALA D 136 25.34 4.05 22.60
CA ALA D 136 26.53 4.50 21.92
C ALA D 136 26.22 4.76 20.45
N ALA D 137 25.39 3.93 19.82
CA ALA D 137 25.08 4.10 18.41
C ALA D 137 24.33 5.42 18.20
N TRP D 138 23.40 5.75 19.11
CA TRP D 138 22.67 7.02 19.07
C TRP D 138 23.64 8.19 19.21
N THR D 139 24.54 8.09 20.18
CA THR D 139 25.51 9.15 20.38
C THR D 139 26.34 9.37 19.13
N LYS D 140 26.82 8.26 18.53
CA LYS D 140 27.65 8.38 17.35
C LYS D 140 26.87 8.98 16.16
N THR D 141 25.62 8.56 15.99
CA THR D 141 24.75 9.04 14.92
C THR D 141 24.49 10.53 15.10
N LEU D 142 24.18 10.92 16.34
CA LEU D 142 23.89 12.35 16.56
C LEU D 142 25.15 13.19 16.50
N LYS D 143 26.32 12.57 16.69
CA LYS D 143 27.56 13.28 16.50
C LYS D 143 27.79 13.53 15.00
N VAL D 144 27.42 12.58 14.13
CA VAL D 144 27.46 12.83 12.70
C VAL D 144 26.60 14.06 12.36
N VAL D 145 25.40 14.11 12.93
CA VAL D 145 24.48 15.19 12.67
C VAL D 145 25.09 16.51 13.17
N ALA D 146 25.53 16.53 14.44
CA ALA D 146 26.09 17.74 15.05
C ALA D 146 27.33 18.22 14.27
N ASP D 147 28.14 17.27 13.75
CA ASP D 147 29.30 17.63 12.96
C ASP D 147 28.88 18.36 11.67
N VAL D 148 27.81 17.92 11.02
CA VAL D 148 27.31 18.62 9.85
C VAL D 148 26.80 20.02 10.23
N ILE D 149 26.00 20.10 11.31
CA ILE D 149 25.50 21.39 11.75
C ILE D 149 26.65 22.34 12.06
N GLY D 150 27.64 21.87 12.82
CA GLY D 150 28.71 22.72 13.29
C GLY D 150 29.56 23.21 12.11
N GLY D 151 29.79 22.32 11.16
CA GLY D 151 30.58 22.69 9.99
C GLY D 151 29.85 23.76 9.18
N HIS D 152 28.54 23.56 9.00
CA HIS D 152 27.79 24.50 8.19
C HIS D 152 27.61 25.83 8.91
N MET D 153 27.52 25.83 10.25
CA MET D 153 27.42 27.11 10.92
C MET D 153 28.71 27.89 10.73
N GLN D 154 29.86 27.20 10.68
CA GLN D 154 31.12 27.92 10.44
C GLN D 154 31.05 28.64 9.10
N THR D 155 30.58 27.91 8.08
CA THR D 155 30.37 28.45 6.74
C THR D 155 29.49 29.69 6.79
N LEU D 156 28.35 29.60 7.49
CA LEU D 156 27.39 30.70 7.53
C LEU D 156 27.99 31.91 8.24
N GLN D 157 28.72 31.68 9.34
CA GLN D 157 29.41 32.74 10.05
C GLN D 157 30.39 33.46 9.11
N LYS D 158 31.25 32.67 8.45
CA LYS D 158 32.28 33.16 7.54
C LYS D 158 31.64 34.02 6.45
CHA HEM E . -4.19 -25.51 -4.31
CHB HEM E . -6.51 -21.47 -3.13
CHC HEM E . -5.08 -22.11 1.44
CHD HEM E . -2.71 -26.09 0.23
C1A HEM E . -4.97 -24.42 -4.36
C2A HEM E . -5.67 -23.99 -5.49
C3A HEM E . -6.32 -22.84 -5.15
C4A HEM E . -6.01 -22.56 -3.84
CMA HEM E . -7.21 -22.03 -6.03
CAA HEM E . -5.73 -24.71 -6.81
CAA HEM E . -5.73 -24.66 -6.85
CBA HEM E . -7.01 -25.58 -6.68
CBA HEM E . -7.08 -25.35 -7.06
CGA HEM E . -7.33 -26.36 -7.93
CGA HEM E . -7.09 -26.56 -6.19
O1A HEM E . -7.79 -25.77 -8.94
O1A HEM E . -6.48 -27.60 -6.57
O2A HEM E . -7.13 -27.59 -7.92
O2A HEM E . -7.60 -26.47 -5.04
C1B HEM E . -6.29 -21.25 -1.79
C2B HEM E . -6.86 -20.14 -1.06
C3B HEM E . -6.48 -20.31 0.24
C4B HEM E . -5.64 -21.55 0.29
CMB HEM E . -7.73 -19.08 -1.71
CAB HEM E . -6.79 -19.48 1.42
CBB HEM E . -7.56 -18.38 1.20
C1C HEM E . -4.34 -23.26 1.57
C2C HEM E . -3.86 -23.84 2.76
C3C HEM E . -3.13 -24.93 2.37
C4C HEM E . -3.26 -25.06 0.97
CMC HEM E . -4.07 -23.23 4.16
CAC HEM E . -2.48 -25.98 3.19
CBC HEM E . -2.76 -26.00 4.52
C1D HEM E . -2.93 -26.25 -1.14
C2D HEM E . -2.32 -27.33 -1.90
C3D HEM E . -2.73 -27.19 -3.14
C4D HEM E . -3.60 -25.99 -3.15
CMD HEM E . -1.43 -28.36 -1.27
CAD HEM E . -2.29 -28.05 -4.31
CAD HEM E . -2.32 -28.09 -4.27
CBD HEM E . -1.01 -27.33 -4.82
CBD HEM E . -0.92 -27.60 -4.66
CGD HEM E . -0.23 -28.11 -5.87
CGD HEM E . -1.06 -26.36 -5.47
O1D HEM E . -0.43 -27.90 -7.06
O1D HEM E . -0.22 -25.45 -5.32
O2D HEM E . 0.61 -28.97 -5.57
O2D HEM E . -2.01 -26.25 -6.27
NA HEM E . -5.17 -23.55 -3.32
NB HEM E . -5.59 -22.02 -0.98
NC HEM E . -4.03 -24.06 0.54
ND HEM E . -3.69 -25.42 -1.92
FE HEM E . -4.64 -23.80 -1.46
C1 GOL F . -14.72 -22.77 13.26
O1 GOL F . -14.49 -24.13 13.64
C2 GOL F . -14.40 -22.62 11.80
O2 GOL F . -15.50 -23.09 11.03
C3 GOL F . -14.01 -21.23 11.37
O3 GOL F . -14.73 -20.19 12.03
CHA HEM G . -16.16 -24.30 -12.23
CHB HEM G . -13.04 -21.12 -14.06
CHC HEM G . -14.74 -22.04 -18.54
CHD HEM G . -17.89 -25.18 -16.65
C1A HEM G . -15.13 -23.42 -12.38
C2A HEM G . -14.31 -22.97 -11.33
C3A HEM G . -13.46 -22.06 -11.84
C4A HEM G . -13.72 -21.96 -13.19
CMA HEM G . -12.33 -21.36 -11.13
CAA HEM G . -14.36 -23.39 -9.86
CBA HEM G . -13.24 -24.38 -9.52
CGA HEM G . -13.51 -25.66 -10.23
O1A HEM G . -14.30 -26.53 -9.73
O2A HEM G . -12.98 -25.82 -11.36
C1B HEM G . -13.27 -21.10 -15.42
C2B HEM G . -12.53 -20.27 -16.32
C3B HEM G . -12.99 -20.54 -17.56
C4B HEM G . -14.06 -21.54 -17.45
CMB HEM G . -11.45 -19.35 -15.87
CAB HEM G . -12.54 -20.00 -18.85
CBB HEM G . -11.42 -19.26 -18.85
C1C HEM G . -15.73 -22.99 -18.44
C2C HEM G . -16.40 -23.60 -19.51
C3C HEM G . -17.28 -24.45 -18.92
C4C HEM G . -17.16 -24.41 -17.52
CMC HEM G . -16.14 -23.30 -21.00
CAC HEM G . -18.22 -25.41 -19.57
CBC HEM G . -18.02 -25.72 -20.82
C1D HEM G . -17.67 -25.22 -15.31
C2D HEM G . -18.45 -25.99 -14.33
C3D HEM G . -18.00 -25.71 -13.10
C4D HEM G . -16.90 -24.76 -13.30
CMD HEM G . -19.63 -26.89 -14.79
CAD HEM G . -18.51 -26.23 -11.74
CBD HEM G . -19.46 -25.09 -11.17
CGD HEM G . -20.03 -25.35 -9.76
O1D HEM G . -20.76 -24.47 -9.18
O2D HEM G . -19.75 -26.42 -9.15
NA HEM G . -14.76 -22.78 -13.56
NB HEM G . -14.16 -21.80 -16.13
NC HEM G . -16.13 -23.51 -17.23
ND HEM G . -16.75 -24.49 -14.60
FE HEM G . -15.48 -23.16 -15.35
C1 GOL H . -8.32 -10.32 -9.20
O1 GOL H . -7.55 -9.50 -8.32
C2 GOL H . -9.40 -9.54 -9.92
O2 GOL H . -9.11 -8.14 -9.95
C3 GOL H . -9.65 -10.04 -11.34
O3 GOL H . -11.02 -10.36 -11.58
C1 GOL I . -5.78 -26.78 -28.43
O1 GOL I . -5.93 -28.20 -28.44
C2 GOL I . -5.05 -26.29 -29.65
O2 GOL I . -5.00 -27.30 -30.67
C3 GOL I . -5.66 -25.03 -30.22
O3 GOL I . -5.59 -23.98 -29.27
C1 GOL J . -8.71 -19.65 -11.19
O1 GOL J . -9.00 -20.05 -12.55
C2 GOL J . -9.32 -18.32 -10.73
O2 GOL J . -10.72 -18.46 -10.57
C3 GOL J . -8.69 -17.69 -9.50
O3 GOL J . -9.52 -17.48 -8.36
CHA HEM K . 11.65 23.83 0.73
CHB HEM K . 8.01 21.40 2.70
CHC HEM K . 5.30 22.27 -1.22
CHD HEM K . 8.95 24.77 -3.10
C1A HEM K . 10.89 23.16 1.62
C2A HEM K . 11.31 22.80 2.96
C3A HEM K . 10.28 22.11 3.49
C4A HEM K . 9.25 22.02 2.55
CMA HEM K . 10.16 21.52 4.90
CAA HEM K . 12.62 23.09 3.66
CAA HEM K . 12.63 23.19 3.59
CBA HEM K . 12.41 24.21 4.69
CBA HEM K . 12.37 24.57 4.27
CGA HEM K . 12.17 25.46 3.87
CGA HEM K . 13.54 25.38 4.77
O1A HEM K . 13.11 26.04 3.30
O1A HEM K . 14.10 25.12 5.85
O2A HEM K . 11.01 25.91 3.70
O2A HEM K . 13.92 26.38 4.13
C1B HEM K . 6.94 21.42 1.75
C2B HEM K . 5.71 20.79 1.99
C3B HEM K . 4.92 21.03 0.93
C4B HEM K . 5.73 21.80 -0.02
CMB HEM K . 5.46 20.10 3.31
CAB HEM K . 3.52 20.67 0.64
CBB HEM K . 2.91 19.93 1.58
C1C HEM K . 6.01 23.07 -2.08
C2C HEM K . 5.55 23.67 -3.34
C3C HEM K . 6.63 24.32 -3.88
C4C HEM K . 7.72 24.24 -2.95
CMC HEM K . 4.15 23.55 -3.98
CAC HEM K . 6.75 25.24 -5.04
CBC HEM K . 5.61 25.77 -5.47
C1D HEM K . 9.99 24.69 -2.21
C2D HEM K . 11.29 25.29 -2.53
C3D HEM K . 12.04 25.02 -1.45
C4D HEM K . 11.19 24.29 -0.49
CMD HEM K . 11.76 26.06 -3.74
CAD HEM K . 13.47 25.46 -1.30
CBD HEM K . 14.37 24.53 -2.04
CGD HEM K . 14.49 23.23 -1.36
O1D HEM K . 14.56 22.16 -1.98
O2D HEM K . 14.51 23.24 -0.11
NA HEM K . 9.59 22.66 1.42
NB HEM K . 6.95 22.01 0.56
NC HEM K . 7.33 23.48 -1.91
ND HEM K . 9.95 24.07 -0.97
FE HEM K . 8.50 23.08 -0.23
CHA HEM L . 11.87 25.95 14.97
CHB HEM L . 13.48 21.42 14.16
CHC HEM L . 16.53 21.88 17.90
CHD HEM L . 14.82 26.28 18.75
C1A HEM L . 12.11 24.70 14.46
C2A HEM L . 11.53 24.24 13.22
C3A HEM L . 11.94 22.98 13.00
C4A HEM L . 12.82 22.64 14.04
CMA HEM L . 11.61 22.09 11.79
CAA HEM L . 10.52 24.94 12.34
CBA HEM L . 11.16 25.36 11.04
CGA HEM L . 12.06 26.43 11.44
O1A HEM L . 11.63 27.59 11.53
O2A HEM L . 13.27 26.18 11.66
C1B HEM L . 14.42 21.19 15.12
C2B HEM L . 15.13 19.95 15.20
C3B HEM L . 16.02 20.08 16.21
C4B HEM L . 15.79 21.37 16.82
CMB HEM L . 15.01 18.83 14.22
CAB HEM L . 17.06 19.19 16.77
CBB HEM L . 17.30 18.01 16.14
C1C HEM L . 16.40 23.14 18.44
C2C HEM L . 17.18 23.67 19.53
C3C HEM L . 16.67 24.93 19.77
C4C HEM L . 15.59 25.17 18.83
CMC HEM L . 18.37 22.93 20.16
CAC HEM L . 17.12 26.02 20.69
CBC HEM L . 18.40 25.97 21.02
C1D HEM L . 13.87 26.52 17.79
C2D HEM L . 13.12 27.77 17.78
C3D HEM L . 12.29 27.72 16.73
C4D HEM L . 12.52 26.40 16.10
CMD HEM L . 13.29 28.90 18.76
CAD HEM L . 11.30 28.77 16.25
CBD HEM L . 10.04 28.69 17.16
CGD HEM L . 9.22 27.46 16.90
O1D HEM L . 8.73 26.79 17.86
O2D HEM L . 9.03 27.12 15.73
NA HEM L . 12.95 23.70 14.89
NB HEM L . 14.82 21.99 16.15
NC HEM L . 15.41 24.06 18.10
ND HEM L . 13.47 25.69 16.77
FE HEM L . 14.13 23.90 16.47
#